data_8H8J
#
_entry.id   8H8J
#
_cell.length_a   1.00
_cell.length_b   1.00
_cell.length_c   1.00
_cell.angle_alpha   90.00
_cell.angle_beta   90.00
_cell.angle_gamma   90.00
#
_symmetry.space_group_name_H-M   'P 1'
#
loop_
_entity.id
_entity.type
_entity.pdbx_description
1 polymer 'Guanine nucleotide-binding protein subunit alpha-13'
2 polymer 'Guanine nucleotide-binding protein G(I)/G(S)/G(T) subunit beta-1'
3 polymer 'G-protein coupled receptor 35'
4 polymer 'Guanine nucleotide-binding protein G(I)/G(S)/G(O) subunit gamma-2'
5 polymer scFv16
6 non-polymer "2,2'-[(2-chloro-5-cyano-1,3-phenylene)bis(azanediyl)]bis(oxoacetic acid)"
7 non-polymer 'CALCIUM ION'
8 non-polymer CHOLESTEROL
#
loop_
_entity_poly.entity_id
_entity_poly.type
_entity_poly.pdbx_seq_one_letter_code
_entity_poly.pdbx_strand_id
1 'polypeptide(L)'
;MGCTLSAEDKAAVERSKMIDKCLSREKTYVKRLVKILLLGAGESGKSTFLKQMRIIHGQDFDQRAREEFRPTIYSNVIKG
MRVLVDAREKLHIPWGDNSNQQHGDKMMSFDTRAPMAAQGMVETRVFLQYLPAIRALWADSGIQNAYDRRREFQLGESVK
YFLDNLDKLGEPDYIPSQQDILLARRPTKGIHEYDFEIKNVPFKMVDVGGQRSERKRWFECFDSVTSILFLVSSSEFDQV
LMEDRLTNRLTESLNIFETIVNNRVFSNVSIILFLNKTDLLEEKVQIVSIKDYFLEFEGDPHCLRDVQKFLVECFRNKRR
DQQQKPLYHHFTTAINTENIRLVFRDVKDTILHDNLKQLMLQ
;
A
2 'polypeptide(L)'
;MGSLLQSELDQLRQEAEQLKNQIRDARKACADATLSQITNNIDPVGRIQMRTRRTLRGHLAKIYAMHWGTDSRLLVSASQ
DGKLIIWDSYTTNKVHAIPLRSSWVMTCAYAPSGNYVACGGLDNICSIYNLKTREGNVRVSRELAGHTGYLSCCRFLDDN
QIVTSSGDTTCALWDIETGQQTTTFTGHTGDVMSLSLAPDTRLFVSGACDASAKLWDVREGMCRQTFTGHESDINAICFF
PNGNAFATGSDDATCRLFDLRADQELMTYSHDNIICGITSVSFSKSGRLLLAGYDDFNCNVWDALKADRAGVLAGHDNRV
SCLGVTDDGMAVATGSWDSFLKIWNGSSGGGGSGGGGSSGVSGWRLFKKIS
;
B
3 'polypeptide(L)'
;NGTYNTCGSSDLTWPPAIKLGFYAYLGVLLVLGLLLNSLALWVFCCRMQQWTETRIYMTNLAVADLCLLCTLPFVLHSLR
DTSDTPLCQLSQGIYLTNRYMSISLVTAIAVDRYVAVRHPLRARGLRSPRQAAAVCAVLWVLVIGSLVARWLLGIQEGGF
CFRSTRHNFNSMAFPLLGFYLPLAVVVFCSLKVVTALAQRPPTDVGQAEATRKAARMVWANLLVFVVCFLPLHVGLTVRL
AVGWNACALLETIRRALYITSKLSDANCCLDAICYYYMAKEFQEASALAVAPSAKAHKSQDSLCVTLA
;
C
4 'polypeptide(L)' MASNNTASIAQARKLVEQLKMEANIDRIKVSKAAADLMAYCEAHAKEDPLLTPVPASENPFREKKFFCAIL G
5 'polypeptide(L)'
;VQLVESGGGLVQPGGSRKLSCSASGFAFSSFGMHWVRQAPEKGLEWVAYISSGSGTIYYADTVKGRFTISRDDPKNTLFL
QMTSLRSEDTAMYYCVRSIYYYGSSPFDFWGQGTTLTVSAGGGGSGGGGSGGGGSADIVMTQATSSVPVTPGESVSISCR
SSKSLLHSNGNTYLYWFLQRPGQSPQLLIYRMSNLASGVPDRFSGSGSGTAFTLTISRLEAEDVGVYYCMQHLEYPLTFG
AGTKLEL
;
H
#
# COMPACT_ATOMS: atom_id res chain seq x y z
N THR A 4 8.69 -8.24 26.09
CA THR A 4 10.01 -8.84 26.19
C THR A 4 10.45 -9.41 24.84
N LEU A 5 11.47 -8.80 24.25
CA LEU A 5 12.00 -9.23 22.96
C LEU A 5 13.45 -9.68 23.15
N SER A 6 13.78 -10.84 22.61
CA SER A 6 15.12 -11.39 22.71
C SER A 6 16.06 -10.70 21.72
N ALA A 7 17.29 -11.20 21.64
CA ALA A 7 18.26 -10.61 20.73
C ALA A 7 17.84 -10.80 19.27
N GLU A 8 17.45 -12.03 18.90
CA GLU A 8 16.98 -12.27 17.55
C GLU A 8 15.69 -11.49 17.26
N ASP A 9 14.82 -11.38 18.27
CA ASP A 9 13.59 -10.62 18.08
C ASP A 9 13.89 -9.14 17.84
N LYS A 10 14.79 -8.56 18.63
CA LYS A 10 15.15 -7.16 18.43
C LYS A 10 15.85 -6.95 17.09
N ALA A 11 16.68 -7.90 16.68
CA ALA A 11 17.35 -7.76 15.37
C ALA A 11 16.34 -7.87 14.23
N ALA A 12 15.36 -8.76 14.35
CA ALA A 12 14.32 -8.85 13.33
C ALA A 12 13.47 -7.58 13.30
N VAL A 13 13.18 -7.01 14.46
CA VAL A 13 12.44 -5.74 14.50
C VAL A 13 13.25 -4.63 13.84
N GLU A 14 14.56 -4.62 14.06
CA GLU A 14 15.41 -3.60 13.43
C GLU A 14 15.45 -3.79 11.91
N ARG A 15 15.51 -5.04 11.45
CA ARG A 15 15.48 -5.29 10.01
C ARG A 15 14.15 -4.87 9.40
N SER A 16 13.05 -5.15 10.10
CA SER A 16 11.74 -4.70 9.64
C SER A 16 11.66 -3.18 9.61
N LYS A 17 12.29 -2.52 10.57
CA LYS A 17 12.30 -1.06 10.59
C LYS A 17 13.11 -0.51 9.42
N MET A 18 14.22 -1.16 9.07
CA MET A 18 14.98 -0.74 7.90
C MET A 18 14.18 -0.93 6.63
N ILE A 19 13.45 -2.04 6.52
CA ILE A 19 12.60 -2.27 5.37
C ILE A 19 11.50 -1.21 5.30
N ASP A 20 10.92 -0.86 6.44
CA ASP A 20 9.90 0.19 6.47
C ASP A 20 10.49 1.53 6.08
N LYS A 21 11.73 1.81 6.48
CA LYS A 21 12.38 3.05 6.09
C LYS A 21 12.60 3.12 4.59
N CYS A 22 13.07 2.01 3.99
CA CYS A 22 13.24 1.98 2.54
C CYS A 22 11.90 2.14 1.82
N LEU A 23 10.85 1.49 2.34
CA LEU A 23 9.54 1.62 1.73
C LEU A 23 9.00 3.04 1.85
N SER A 24 9.24 3.71 2.98
CA SER A 24 8.82 5.09 3.14
C SER A 24 9.61 6.01 2.21
N ARG A 25 10.89 5.71 1.99
CA ARG A 25 11.68 6.49 1.04
C ARG A 25 11.14 6.35 -0.37
N GLU A 26 10.74 5.12 -0.76
CA GLU A 26 10.16 4.93 -2.08
C GLU A 26 8.72 5.45 -2.17
N LYS A 27 8.07 5.65 -1.02
CA LYS A 27 6.70 6.16 -1.03
C LYS A 27 6.63 7.57 -1.59
N THR A 28 7.68 8.37 -1.38
CA THR A 28 7.73 9.71 -1.97
C THR A 28 7.73 9.63 -3.49
N TYR A 29 8.54 8.74 -4.06
CA TYR A 29 8.57 8.58 -5.51
C TYR A 29 7.26 8.00 -6.03
N VAL A 30 6.61 7.15 -5.22
CA VAL A 30 5.33 6.57 -5.62
C VAL A 30 4.26 7.65 -5.69
N LYS A 31 4.21 8.52 -4.67
CA LYS A 31 3.22 9.59 -4.66
C LYS A 31 3.50 10.61 -5.75
N ARG A 32 4.77 10.94 -5.98
CA ARG A 32 5.13 11.89 -7.04
C ARG A 32 5.00 11.28 -8.43
N LEU A 33 4.78 9.97 -8.53
CA LEU A 33 4.69 9.33 -9.83
C LEU A 33 3.37 9.65 -10.50
N VAL A 34 3.43 9.90 -11.81
CA VAL A 34 2.25 10.19 -12.62
C VAL A 34 2.10 9.09 -13.66
N LYS A 35 1.02 8.31 -13.55
CA LYS A 35 0.80 7.14 -14.40
C LYS A 35 -0.09 7.50 -15.57
N ILE A 36 0.36 7.16 -16.78
CA ILE A 36 -0.36 7.44 -18.01
C ILE A 36 -0.53 6.12 -18.75
N LEU A 37 -1.78 5.67 -18.88
CA LEU A 37 -2.09 4.43 -19.60
C LEU A 37 -2.30 4.77 -21.06
N LEU A 38 -1.44 4.25 -21.94
CA LEU A 38 -1.48 4.54 -23.35
C LEU A 38 -2.26 3.45 -24.07
N LEU A 39 -3.27 3.84 -24.86
CA LEU A 39 -4.09 2.91 -25.62
C LEU A 39 -4.29 3.45 -27.03
N GLY A 40 -4.40 2.54 -27.98
CA GLY A 40 -4.59 2.88 -29.37
C GLY A 40 -5.95 2.45 -29.90
N ALA A 41 -6.10 2.54 -31.22
CA ALA A 41 -7.35 2.16 -31.87
C ALA A 41 -7.13 1.39 -33.16
N GLY A 42 -5.90 0.96 -33.45
CA GLY A 42 -5.62 0.23 -34.68
C GLY A 42 -5.14 1.11 -35.80
N GLU A 43 -3.88 0.93 -36.21
CA GLU A 43 -3.26 1.71 -37.28
C GLU A 43 -3.34 3.21 -36.98
N SER A 44 -3.10 3.56 -35.72
CA SER A 44 -3.15 4.95 -35.28
C SER A 44 -1.76 5.54 -35.04
N GLY A 45 -0.74 5.02 -35.71
CA GLY A 45 0.61 5.51 -35.51
C GLY A 45 1.20 5.16 -34.16
N LYS A 46 1.00 3.93 -33.70
CA LYS A 46 1.49 3.54 -32.38
C LYS A 46 3.01 3.42 -32.37
N SER A 47 3.57 2.71 -33.35
CA SER A 47 5.02 2.52 -33.39
C SER A 47 5.75 3.83 -33.61
N THR A 48 5.23 4.69 -34.49
CA THR A 48 5.86 5.98 -34.73
C THR A 48 5.80 6.87 -33.49
N PHE A 49 4.66 6.85 -32.79
CA PHE A 49 4.55 7.64 -31.57
C PHE A 49 5.51 7.14 -30.50
N LEU A 50 5.64 5.82 -30.35
CA LEU A 50 6.57 5.28 -29.38
C LEU A 50 8.01 5.61 -29.75
N LYS A 51 8.33 5.58 -31.05
CA LYS A 51 9.69 5.92 -31.48
C LYS A 51 9.99 7.40 -31.22
N GLN A 52 9.01 8.28 -31.44
CA GLN A 52 9.21 9.69 -31.16
C GLN A 52 9.32 9.96 -29.67
N MET A 53 8.61 9.16 -28.85
CA MET A 53 8.68 9.35 -27.41
C MET A 53 9.95 8.79 -26.81
N ARG A 54 10.53 7.75 -27.41
CA ARG A 54 11.77 7.18 -26.88
C ARG A 54 12.93 8.17 -26.91
N ILE A 55 12.84 9.21 -27.76
CA ILE A 55 13.87 10.25 -27.76
C ILE A 55 13.87 10.99 -26.42
N ILE A 56 12.68 11.32 -25.92
CA ILE A 56 12.59 11.95 -24.60
C ILE A 56 12.84 10.93 -23.51
N HIS A 57 12.45 9.67 -23.74
CA HIS A 57 12.66 8.63 -22.74
C HIS A 57 14.15 8.37 -22.53
N GLY A 58 14.92 8.30 -23.61
CA GLY A 58 16.34 8.06 -23.53
C GLY A 58 17.14 9.26 -23.06
N GLY A 190 3.51 -8.20 -22.62
CA GLY A 190 2.93 -7.20 -23.49
C GLY A 190 2.91 -5.81 -22.89
N ILE A 191 3.04 -5.73 -21.57
CA ILE A 191 3.05 -4.46 -20.88
C ILE A 191 4.42 -3.82 -21.00
N HIS A 192 4.46 -2.61 -21.55
CA HIS A 192 5.70 -1.86 -21.71
C HIS A 192 5.64 -0.61 -20.84
N GLU A 193 6.69 -0.38 -20.07
CA GLU A 193 6.76 0.75 -19.14
C GLU A 193 7.86 1.71 -19.59
N TYR A 194 7.49 2.97 -19.76
CA TYR A 194 8.44 4.04 -20.10
C TYR A 194 8.45 5.03 -18.95
N ASP A 195 9.52 5.04 -18.17
CA ASP A 195 9.64 5.90 -17.01
C ASP A 195 10.66 6.99 -17.29
N PHE A 196 10.26 8.25 -17.08
CA PHE A 196 11.15 9.37 -17.30
C PHE A 196 10.82 10.46 -16.29
N GLU A 197 11.59 11.54 -16.32
CA GLU A 197 11.43 12.64 -15.38
C GLU A 197 11.36 13.95 -16.15
N ILE A 198 10.29 14.72 -15.91
CA ILE A 198 10.11 16.03 -16.54
C ILE A 198 9.69 17.02 -15.46
N LYS A 199 10.32 18.19 -15.46
CA LYS A 199 10.02 19.23 -14.48
C LYS A 199 10.15 18.71 -13.06
N ASN A 200 11.14 17.84 -12.85
CA ASN A 200 11.43 17.24 -11.54
C ASN A 200 10.25 16.42 -11.02
N VAL A 201 9.45 15.85 -11.93
CA VAL A 201 8.37 14.95 -11.52
C VAL A 201 8.44 13.72 -12.43
N PRO A 202 8.21 12.52 -11.89
CA PRO A 202 8.29 11.31 -12.72
C PRO A 202 6.99 10.96 -13.43
N PHE A 203 7.13 10.62 -14.70
CA PHE A 203 6.04 10.14 -15.54
C PHE A 203 6.32 8.70 -15.96
N LYS A 204 5.34 7.83 -15.74
CA LYS A 204 5.42 6.42 -16.15
C LYS A 204 4.28 6.14 -17.11
N MET A 205 4.63 5.87 -18.37
CA MET A 205 3.65 5.53 -19.39
C MET A 205 3.61 4.02 -19.55
N VAL A 206 2.44 3.43 -19.33
CA VAL A 206 2.24 1.99 -19.41
C VAL A 206 1.41 1.70 -20.66
N ASP A 207 1.95 0.84 -21.52
CA ASP A 207 1.29 0.46 -22.77
C ASP A 207 0.92 -1.03 -22.70
N VAL A 208 -0.33 -1.34 -23.03
CA VAL A 208 -0.81 -2.72 -23.00
C VAL A 208 -0.30 -3.54 -24.17
N GLY A 209 0.10 -2.89 -25.26
CA GLY A 209 0.59 -3.60 -26.43
C GLY A 209 -0.46 -4.14 -27.36
N GLY A 210 -1.73 -3.87 -27.11
CA GLY A 210 -2.81 -4.35 -27.96
C GLY A 210 -3.11 -5.83 -27.76
N GLU A 214 -9.04 -4.25 -22.87
CA GLU A 214 -9.97 -3.92 -21.79
C GLU A 214 -11.28 -4.69 -21.97
N ARG A 215 -11.17 -5.94 -22.39
CA ARG A 215 -12.32 -6.80 -22.60
C ARG A 215 -12.25 -8.05 -21.73
N LYS A 216 -11.66 -7.93 -20.54
CA LYS A 216 -11.54 -9.04 -19.61
C LYS A 216 -12.17 -8.78 -18.25
N ARG A 217 -12.61 -7.56 -17.98
CA ARG A 217 -13.24 -7.16 -16.72
C ARG A 217 -12.33 -7.32 -15.51
N TRP A 218 -11.05 -7.62 -15.73
CA TRP A 218 -10.08 -7.76 -14.65
C TRP A 218 -8.91 -6.79 -14.80
N PHE A 219 -9.06 -5.79 -15.67
CA PHE A 219 -8.04 -4.76 -15.88
C PHE A 219 -8.26 -3.55 -14.99
N GLU A 220 -8.86 -3.73 -13.81
CA GLU A 220 -9.03 -2.64 -12.86
C GLU A 220 -7.72 -2.20 -12.21
N CYS A 221 -6.59 -2.77 -12.63
CA CYS A 221 -5.30 -2.38 -12.08
C CYS A 221 -4.95 -0.93 -12.41
N PHE A 222 -5.59 -0.35 -13.43
CA PHE A 222 -5.35 1.03 -13.84
C PHE A 222 -6.38 1.98 -13.26
N ASP A 223 -6.91 1.67 -12.07
CA ASP A 223 -7.85 2.54 -11.39
C ASP A 223 -7.17 3.69 -10.66
N SER A 224 -5.85 3.64 -10.52
CA SER A 224 -5.10 4.69 -9.84
C SER A 224 -4.19 5.47 -10.77
N VAL A 225 -4.24 5.21 -12.07
CA VAL A 225 -3.40 5.94 -13.02
C VAL A 225 -3.88 7.39 -13.10
N THR A 226 -2.94 8.29 -13.43
CA THR A 226 -3.29 9.70 -13.46
C THR A 226 -4.09 10.06 -14.71
N SER A 227 -3.71 9.53 -15.86
CA SER A 227 -4.43 9.85 -17.09
C SER A 227 -4.31 8.66 -18.05
N ILE A 228 -5.15 8.71 -19.09
CA ILE A 228 -5.11 7.72 -20.17
C ILE A 228 -5.02 8.44 -21.50
N LEU A 229 -3.97 8.13 -22.25
CA LEU A 229 -3.80 8.61 -23.61
C LEU A 229 -4.54 7.68 -24.56
N PHE A 230 -5.30 8.25 -25.48
CA PHE A 230 -6.06 7.49 -26.47
C PHE A 230 -5.67 7.99 -27.86
N LEU A 231 -4.96 7.16 -28.61
CA LEU A 231 -4.47 7.53 -29.94
C LEU A 231 -5.46 7.05 -30.99
N VAL A 232 -5.92 7.97 -31.83
CA VAL A 232 -6.86 7.67 -32.90
C VAL A 232 -6.32 8.23 -34.20
N SER A 233 -6.36 7.44 -35.26
CA SER A 233 -5.98 7.91 -36.59
C SER A 233 -7.09 8.75 -37.17
N SER A 234 -6.75 9.96 -37.63
CA SER A 234 -7.72 10.88 -38.20
C SER A 234 -8.06 10.58 -39.66
N SER A 235 -7.33 9.66 -40.29
CA SER A 235 -7.57 9.30 -41.69
C SER A 235 -8.39 8.02 -41.82
N GLU A 236 -9.33 7.80 -40.90
CA GLU A 236 -10.15 6.60 -40.90
C GLU A 236 -11.55 6.83 -41.46
N PHE A 237 -11.77 7.94 -42.16
CA PHE A 237 -13.07 8.18 -42.78
C PHE A 237 -13.32 7.23 -43.93
N ASP A 238 -12.41 7.19 -44.90
CA ASP A 238 -12.51 6.31 -46.05
C ASP A 238 -11.64 5.07 -45.92
N GLN A 239 -10.96 4.90 -44.78
CA GLN A 239 -10.10 3.74 -44.55
C GLN A 239 -10.92 2.63 -43.88
N VAL A 240 -11.49 1.77 -44.73
CA VAL A 240 -12.30 0.65 -44.26
C VAL A 240 -11.41 -0.30 -43.48
N LEU A 241 -12.00 -0.97 -42.47
CA LEU A 241 -11.27 -1.92 -41.64
C LEU A 241 -10.65 -3.02 -42.49
N MET A 242 -9.49 -3.54 -42.05
CA MET A 242 -8.82 -4.60 -42.81
C MET A 242 -9.67 -5.86 -42.90
N GLU A 243 -10.59 -6.05 -41.96
CA GLU A 243 -11.50 -7.19 -42.02
C GLU A 243 -12.55 -7.02 -43.12
N ASP A 244 -12.76 -5.81 -43.62
CA ASP A 244 -13.68 -5.51 -44.71
C ASP A 244 -15.12 -5.93 -44.40
N ARG A 245 -15.51 -5.90 -43.12
CA ARG A 245 -16.87 -6.27 -42.75
C ARG A 245 -17.79 -5.06 -42.77
N LEU A 246 -17.76 -4.31 -43.87
CA LEU A 246 -18.61 -3.14 -44.08
C LEU A 246 -18.63 -2.21 -42.87
N THR A 247 -17.45 -1.78 -42.41
CA THR A 247 -17.35 -0.91 -41.25
C THR A 247 -16.10 -0.06 -41.38
N ASN A 248 -16.23 1.24 -41.09
CA ASN A 248 -15.08 2.15 -41.13
C ASN A 248 -14.26 2.01 -39.85
N ARG A 249 -12.97 2.29 -39.95
CA ARG A 249 -12.10 2.23 -38.78
C ARG A 249 -12.44 3.32 -37.77
N LEU A 250 -13.00 4.44 -38.23
CA LEU A 250 -13.38 5.50 -37.31
C LEU A 250 -14.53 5.06 -36.40
N THR A 251 -15.48 4.32 -36.94
CA THR A 251 -16.57 3.80 -36.13
C THR A 251 -16.04 2.82 -35.07
N GLU A 252 -15.10 1.96 -35.45
CA GLU A 252 -14.52 1.04 -34.49
C GLU A 252 -13.74 1.78 -33.42
N SER A 253 -13.02 2.83 -33.80
CA SER A 253 -12.28 3.63 -32.83
C SER A 253 -13.23 4.30 -31.85
N LEU A 254 -14.32 4.88 -32.35
CA LEU A 254 -15.31 5.51 -31.47
C LEU A 254 -15.94 4.48 -30.54
N ASN A 255 -16.21 3.27 -31.05
CA ASN A 255 -16.80 2.24 -30.21
C ASN A 255 -15.84 1.80 -29.11
N ILE A 256 -14.55 1.64 -29.45
CA ILE A 256 -13.56 1.28 -28.43
C ILE A 256 -13.45 2.39 -27.39
N PHE A 257 -13.43 3.64 -27.84
CA PHE A 257 -13.36 4.77 -26.91
C PHE A 257 -14.57 4.79 -25.99
N GLU A 258 -15.76 4.54 -26.53
CA GLU A 258 -16.98 4.53 -25.71
C GLU A 258 -16.94 3.39 -24.70
N THR A 259 -16.50 2.20 -25.12
CA THR A 259 -16.44 1.07 -24.20
C THR A 259 -15.40 1.30 -23.11
N ILE A 260 -14.36 2.07 -23.41
CA ILE A 260 -13.31 2.30 -22.42
C ILE A 260 -13.72 3.39 -21.43
N VAL A 261 -14.33 4.48 -21.93
CA VAL A 261 -14.67 5.59 -21.04
C VAL A 261 -15.84 5.24 -20.14
N ASN A 262 -16.68 4.29 -20.57
CA ASN A 262 -17.85 3.92 -19.77
C ASN A 262 -17.49 3.02 -18.59
N ASN A 263 -16.23 2.61 -18.47
CA ASN A 263 -15.82 1.77 -17.35
C ASN A 263 -15.87 2.57 -16.05
N ARG A 264 -16.34 1.92 -14.99
CA ARG A 264 -16.48 2.60 -13.70
C ARG A 264 -15.12 2.91 -13.08
N VAL A 265 -14.12 2.07 -13.33
CA VAL A 265 -12.80 2.30 -12.75
C VAL A 265 -12.12 3.49 -13.42
N PHE A 266 -12.55 3.85 -14.62
CA PHE A 266 -12.00 4.99 -15.34
C PHE A 266 -12.78 6.27 -15.12
N SER A 267 -13.66 6.31 -14.11
CA SER A 267 -14.43 7.52 -13.85
C SER A 267 -13.57 8.59 -13.18
N ASN A 268 -12.59 8.18 -12.39
CA ASN A 268 -11.73 9.13 -11.69
C ASN A 268 -10.49 9.53 -12.49
N VAL A 269 -10.28 8.92 -13.66
CA VAL A 269 -9.10 9.19 -14.47
C VAL A 269 -9.48 10.12 -15.61
N SER A 270 -8.52 10.92 -16.05
CA SER A 270 -8.71 11.86 -17.16
C SER A 270 -8.29 11.20 -18.46
N ILE A 271 -8.77 11.78 -19.57
CA ILE A 271 -8.57 11.22 -20.90
C ILE A 271 -7.93 12.29 -21.78
N ILE A 272 -6.85 11.92 -22.45
CA ILE A 272 -6.17 12.79 -23.40
C ILE A 272 -6.24 12.13 -24.77
N LEU A 273 -7.01 12.73 -25.67
CA LEU A 273 -7.22 12.18 -27.01
C LEU A 273 -6.20 12.79 -27.96
N PHE A 274 -5.40 11.92 -28.59
CA PHE A 274 -4.42 12.32 -29.58
C PHE A 274 -4.87 11.82 -30.95
N LEU A 275 -5.25 12.75 -31.81
CA LEU A 275 -5.69 12.42 -33.17
C LEU A 275 -4.48 12.57 -34.09
N ASN A 276 -3.86 11.45 -34.42
CA ASN A 276 -2.67 11.44 -35.26
C ASN A 276 -3.05 11.62 -36.73
N LYS A 277 -2.03 11.64 -37.58
CA LYS A 277 -2.20 11.77 -39.03
C LYS A 277 -2.96 13.04 -39.39
N THR A 278 -2.61 14.15 -38.73
CA THR A 278 -3.27 15.42 -39.03
C THR A 278 -2.96 15.89 -40.44
N ASP A 279 -1.70 15.74 -40.87
CA ASP A 279 -1.35 16.11 -42.24
C ASP A 279 -2.06 15.20 -43.25
N LEU A 280 -2.12 13.91 -42.95
CA LEU A 280 -2.85 13.00 -43.83
C LEU A 280 -4.34 13.33 -43.85
N LEU A 281 -4.89 13.74 -42.70
CA LEU A 281 -6.29 14.16 -42.66
C LEU A 281 -6.51 15.39 -43.53
N GLU A 282 -5.60 16.37 -43.46
CA GLU A 282 -5.73 17.58 -44.26
C GLU A 282 -5.62 17.26 -45.75
N GLU A 283 -4.71 16.34 -46.11
CA GLU A 283 -4.54 15.97 -47.51
C GLU A 283 -5.67 15.09 -48.04
N LYS A 284 -6.37 14.37 -47.15
CA LYS A 284 -7.43 13.48 -47.58
C LYS A 284 -8.80 14.15 -47.60
N VAL A 285 -9.05 15.10 -46.71
CA VAL A 285 -10.37 15.73 -46.64
C VAL A 285 -10.64 16.54 -47.91
N GLN A 286 -9.59 17.04 -48.56
CA GLN A 286 -9.79 17.78 -49.80
C GLN A 286 -10.10 16.84 -50.96
N ILE A 287 -9.62 15.60 -50.90
CA ILE A 287 -9.88 14.65 -51.96
C ILE A 287 -11.28 14.05 -51.82
N VAL A 288 -11.61 13.56 -50.63
CA VAL A 288 -12.90 12.93 -50.37
C VAL A 288 -13.56 13.65 -49.20
N SER A 289 -14.85 13.97 -49.35
CA SER A 289 -15.59 14.65 -48.30
C SER A 289 -16.10 13.64 -47.27
N ILE A 290 -16.18 14.09 -46.01
CA ILE A 290 -16.63 13.21 -44.93
C ILE A 290 -18.14 13.15 -44.82
N LYS A 291 -18.86 13.97 -45.58
CA LYS A 291 -20.32 13.97 -45.48
C LYS A 291 -20.92 12.71 -46.09
N ASP A 292 -20.22 12.12 -47.06
CA ASP A 292 -20.76 10.93 -47.73
C ASP A 292 -20.81 9.74 -46.79
N TYR A 293 -19.79 9.58 -45.93
CA TYR A 293 -19.74 8.43 -45.03
C TYR A 293 -20.34 8.73 -43.67
N PHE A 294 -20.58 10.00 -43.34
CA PHE A 294 -21.18 10.38 -42.07
C PHE A 294 -22.23 11.45 -42.34
N LEU A 295 -23.50 11.09 -42.20
CA LEU A 295 -24.60 12.01 -42.46
C LEU A 295 -25.00 12.77 -41.19
N GLU A 296 -24.01 13.30 -40.49
CA GLU A 296 -24.25 14.15 -39.33
C GLU A 296 -23.33 15.36 -39.27
N PHE A 297 -22.50 15.58 -40.30
CA PHE A 297 -21.56 16.71 -40.32
C PHE A 297 -22.28 17.91 -40.95
N GLU A 298 -22.84 18.76 -40.10
CA GLU A 298 -23.57 19.93 -40.57
C GLU A 298 -22.66 21.07 -40.97
N GLY A 299 -21.35 20.96 -40.73
CA GLY A 299 -20.42 22.01 -41.07
C GLY A 299 -20.09 22.04 -42.55
N ASP A 300 -19.06 22.82 -42.87
CA ASP A 300 -18.62 22.96 -44.26
C ASP A 300 -17.58 21.88 -44.57
N PRO A 301 -17.86 20.96 -45.50
CA PRO A 301 -16.87 19.93 -45.84
C PRO A 301 -15.67 20.53 -46.56
N HIS A 302 -14.74 19.64 -46.89
CA HIS A 302 -13.49 19.97 -47.59
C HIS A 302 -12.59 20.91 -46.80
N CYS A 303 -12.91 21.17 -45.53
CA CYS A 303 -12.10 22.04 -44.69
C CYS A 303 -11.29 21.18 -43.72
N LEU A 304 -10.53 21.84 -42.85
CA LEU A 304 -9.69 21.18 -41.88
C LEU A 304 -10.14 21.43 -40.45
N ARG A 305 -10.34 22.68 -40.07
CA ARG A 305 -10.74 22.99 -38.69
C ARG A 305 -12.14 22.47 -38.39
N ASP A 306 -13.03 22.49 -39.39
CA ASP A 306 -14.39 22.03 -39.17
C ASP A 306 -14.43 20.52 -38.93
N VAL A 307 -13.64 19.76 -39.69
CA VAL A 307 -13.60 18.31 -39.50
C VAL A 307 -13.00 17.97 -38.13
N GLN A 308 -11.96 18.71 -37.73
CA GLN A 308 -11.37 18.49 -36.41
C GLN A 308 -12.37 18.79 -35.31
N LYS A 309 -13.11 19.89 -35.44
CA LYS A 309 -14.13 20.22 -34.45
C LYS A 309 -15.22 19.16 -34.40
N PHE A 310 -15.61 18.64 -35.56
CA PHE A 310 -16.62 17.58 -35.60
C PHE A 310 -16.13 16.32 -34.91
N LEU A 311 -14.87 15.93 -35.16
CA LEU A 311 -14.33 14.74 -34.51
C LEU A 311 -14.23 14.93 -33.01
N VAL A 312 -13.78 16.09 -32.56
CA VAL A 312 -13.70 16.36 -31.13
C VAL A 312 -15.09 16.32 -30.50
N GLU A 313 -16.08 16.92 -31.17
CA GLU A 313 -17.44 16.91 -30.65
C GLU A 313 -18.00 15.50 -30.56
N CYS A 314 -17.71 14.67 -31.57
CA CYS A 314 -18.19 13.29 -31.53
C CYS A 314 -17.54 12.52 -30.40
N PHE A 315 -16.21 12.63 -30.26
CA PHE A 315 -15.51 11.91 -29.18
C PHE A 315 -15.98 12.39 -27.81
N ARG A 316 -16.33 13.67 -27.69
CA ARG A 316 -16.73 14.19 -26.39
C ARG A 316 -18.17 13.80 -26.05
N ASN A 317 -19.06 13.82 -27.05
CA ASN A 317 -20.46 13.47 -26.79
C ASN A 317 -20.65 11.97 -26.64
N LYS A 318 -19.75 11.17 -27.22
CA LYS A 318 -19.86 9.72 -27.04
C LYS A 318 -19.52 9.32 -25.60
N ARG A 319 -18.75 10.14 -24.91
CA ARG A 319 -18.47 9.89 -23.50
C ARG A 319 -19.63 10.35 -22.64
N ARG A 320 -19.96 9.59 -21.58
CA ARG A 320 -21.18 9.93 -20.81
C ARG A 320 -20.91 10.37 -19.38
N ASP A 321 -20.13 11.44 -19.18
CA ASP A 321 -19.92 12.00 -17.82
C ASP A 321 -19.61 13.48 -18.01
N GLN A 322 -18.81 13.78 -19.03
CA GLN A 322 -18.48 15.19 -19.37
C GLN A 322 -18.49 16.04 -18.11
N GLN A 323 -17.75 15.62 -17.08
CA GLN A 323 -17.69 16.38 -15.81
C GLN A 323 -16.64 15.76 -14.88
N GLN A 324 -16.91 14.56 -14.38
CA GLN A 324 -15.99 13.93 -13.41
C GLN A 324 -14.55 14.26 -13.81
N LYS A 325 -14.13 13.89 -15.03
CA LYS A 325 -12.77 14.30 -15.36
C LYS A 325 -12.72 14.94 -16.74
N PRO A 326 -11.84 15.91 -16.95
CA PRO A 326 -11.80 16.60 -18.24
C PRO A 326 -11.29 15.71 -19.35
N LEU A 327 -11.65 16.06 -20.58
CA LEU A 327 -11.17 15.38 -21.78
C LEU A 327 -10.34 16.37 -22.58
N TYR A 328 -9.17 15.92 -23.05
CA TYR A 328 -8.23 16.76 -23.77
C TYR A 328 -8.02 16.21 -25.17
N HIS A 329 -8.15 17.09 -26.16
CA HIS A 329 -7.98 16.72 -27.57
C HIS A 329 -6.76 17.44 -28.13
N HIS A 330 -5.96 16.72 -28.91
CA HIS A 330 -4.77 17.28 -29.53
C HIS A 330 -4.57 16.67 -30.91
N PHE A 331 -4.22 17.50 -31.87
CA PHE A 331 -3.96 17.08 -33.25
C PHE A 331 -2.49 17.28 -33.56
N THR A 332 -1.77 16.18 -33.81
CA THR A 332 -0.36 16.25 -34.10
C THR A 332 0.04 15.03 -34.91
N THR A 333 1.23 15.11 -35.51
CA THR A 333 1.80 14.02 -36.31
C THR A 333 3.11 13.56 -35.68
N ALA A 334 3.81 12.68 -36.37
CA ALA A 334 5.09 12.18 -35.89
C ALA A 334 6.25 13.10 -36.22
N ILE A 335 5.99 14.26 -36.83
CA ILE A 335 7.07 15.17 -37.20
C ILE A 335 7.55 15.96 -35.99
N ASN A 336 6.63 16.67 -35.33
CA ASN A 336 7.00 17.49 -34.19
C ASN A 336 7.32 16.62 -32.97
N THR A 337 8.13 17.16 -32.08
CA THR A 337 8.55 16.46 -30.87
C THR A 337 7.97 17.06 -29.61
N GLU A 338 7.11 18.07 -29.72
CA GLU A 338 6.48 18.71 -28.57
C GLU A 338 5.22 18.01 -28.11
N ASN A 339 5.05 16.74 -28.49
CA ASN A 339 3.84 16.01 -28.08
C ASN A 339 3.81 15.73 -26.59
N ILE A 340 4.99 15.60 -25.96
CA ILE A 340 5.02 15.31 -24.53
C ILE A 340 4.68 16.55 -23.72
N ARG A 341 4.94 17.74 -24.27
CA ARG A 341 4.58 18.96 -23.57
C ARG A 341 3.07 19.09 -23.41
N LEU A 342 2.32 18.70 -24.45
CA LEU A 342 0.86 18.73 -24.36
C LEU A 342 0.36 17.74 -23.32
N VAL A 343 0.97 16.55 -23.27
CA VAL A 343 0.59 15.56 -22.26
C VAL A 343 0.87 16.09 -20.87
N PHE A 344 2.02 16.74 -20.68
CA PHE A 344 2.36 17.30 -19.38
C PHE A 344 1.39 18.41 -18.98
N ARG A 345 1.01 19.26 -19.94
CA ARG A 345 0.05 20.32 -19.64
C ARG A 345 -1.31 19.75 -19.27
N ASP A 346 -1.76 18.72 -19.99
CA ASP A 346 -3.04 18.10 -19.66
C ASP A 346 -3.00 17.39 -18.31
N VAL A 347 -1.87 16.76 -17.97
CA VAL A 347 -1.73 16.14 -16.66
C VAL A 347 -1.76 17.19 -15.56
N LYS A 348 -1.10 18.33 -15.80
CA LYS A 348 -1.12 19.42 -14.83
C LYS A 348 -2.54 19.95 -14.66
N ASP A 349 -3.28 20.07 -15.76
CA ASP A 349 -4.67 20.51 -15.67
C ASP A 349 -5.53 19.51 -14.91
N THR A 350 -5.28 18.22 -15.10
CA THR A 350 -6.04 17.20 -14.36
C THR A 350 -5.74 17.26 -12.88
N ILE A 351 -4.47 17.41 -12.52
CA ILE A 351 -4.09 17.50 -11.11
C ILE A 351 -4.67 18.76 -10.49
N LEU A 352 -4.70 19.86 -11.25
CA LEU A 352 -5.35 21.08 -10.77
C LEU A 352 -6.85 20.85 -10.58
N HIS A 353 -7.49 20.13 -11.50
CA HIS A 353 -8.91 19.86 -11.40
C HIS A 353 -9.26 19.03 -10.17
N ASP A 354 -8.45 18.02 -9.84
CA ASP A 354 -8.72 17.26 -8.63
C ASP A 354 -8.31 17.98 -7.36
N ASN A 355 -7.29 18.84 -7.43
CA ASN A 355 -6.95 19.66 -6.27
C ASN A 355 -8.04 20.68 -5.99
N LEU A 356 -8.75 21.11 -7.02
CA LEU A 356 -9.90 21.99 -6.80
C LEU A 356 -11.02 21.28 -6.06
N LYS A 357 -11.23 20.00 -6.36
CA LYS A 357 -12.23 19.23 -5.60
C LYS A 357 -11.77 18.99 -4.18
N GLN A 358 -10.48 18.70 -3.99
CA GLN A 358 -9.96 18.47 -2.64
C GLN A 358 -9.94 19.76 -1.83
N LEU A 359 -9.91 20.91 -2.52
CA LEU A 359 -9.84 22.20 -1.84
C LEU A 359 -11.21 22.82 -1.62
N MET A 360 -12.29 22.16 -2.06
CA MET A 360 -13.66 22.67 -1.91
C MET A 360 -13.84 24.00 -2.64
N LEU A 361 -13.22 24.11 -3.82
CA LEU A 361 -13.38 25.28 -4.67
C LEU A 361 -14.35 25.04 -5.82
N GLN A 362 -14.72 23.79 -6.09
CA GLN A 362 -15.66 23.49 -7.16
C GLN A 362 -16.54 22.29 -6.79
N SER B 7 -17.32 -33.77 -39.81
CA SER B 7 -18.35 -34.14 -40.79
C SER B 7 -19.26 -32.95 -41.08
N GLU B 8 -20.24 -32.74 -40.22
CA GLU B 8 -21.21 -31.65 -40.35
C GLU B 8 -21.20 -30.82 -39.09
N LEU B 9 -21.18 -29.49 -39.25
CA LEU B 9 -21.19 -28.61 -38.08
C LEU B 9 -22.52 -28.69 -37.34
N ASP B 10 -23.62 -28.77 -38.07
CA ASP B 10 -24.94 -28.88 -37.43
C ASP B 10 -25.06 -30.19 -36.66
N GLN B 11 -24.52 -31.27 -37.22
CA GLN B 11 -24.56 -32.56 -36.52
C GLN B 11 -23.73 -32.51 -35.24
N LEU B 12 -22.57 -31.87 -35.30
CA LEU B 12 -21.73 -31.74 -34.09
C LEU B 12 -22.42 -30.88 -33.04
N ARG B 13 -23.07 -29.80 -33.46
CA ARG B 13 -23.79 -28.96 -32.50
C ARG B 13 -24.97 -29.72 -31.88
N GLN B 14 -25.67 -30.52 -32.69
CA GLN B 14 -26.77 -31.33 -32.16
C GLN B 14 -26.26 -32.37 -31.17
N GLU B 15 -25.13 -33.00 -31.48
CA GLU B 15 -24.54 -33.97 -30.56
C GLU B 15 -24.11 -33.30 -29.26
N ALA B 16 -23.54 -32.10 -29.35
CA ALA B 16 -23.14 -31.38 -28.14
C ALA B 16 -24.35 -31.01 -27.30
N GLU B 17 -25.43 -30.55 -27.94
CA GLU B 17 -26.64 -30.24 -27.19
C GLU B 17 -27.23 -31.48 -26.55
N GLN B 18 -27.20 -32.61 -27.25
CA GLN B 18 -27.71 -33.86 -26.69
C GLN B 18 -26.87 -34.30 -25.49
N LEU B 19 -25.55 -34.15 -25.58
CA LEU B 19 -24.70 -34.52 -24.45
C LEU B 19 -24.92 -33.60 -23.27
N LYS B 20 -25.13 -32.30 -23.52
CA LYS B 20 -25.43 -31.37 -22.45
C LYS B 20 -26.76 -31.72 -21.77
N ASN B 21 -27.78 -32.06 -22.57
CA ASN B 21 -29.06 -32.46 -21.99
C ASN B 21 -28.92 -33.76 -21.20
N GLN B 22 -28.09 -34.69 -21.68
CA GLN B 22 -27.86 -35.93 -20.95
C GLN B 22 -27.18 -35.67 -19.61
N ILE B 23 -26.17 -34.78 -19.59
CA ILE B 23 -25.51 -34.43 -18.34
C ILE B 23 -26.49 -33.76 -17.38
N ARG B 24 -27.33 -32.87 -17.91
CA ARG B 24 -28.32 -32.21 -17.07
C ARG B 24 -29.32 -33.20 -16.49
N ASP B 25 -29.77 -34.16 -17.30
CA ASP B 25 -30.70 -35.15 -16.80
C ASP B 25 -30.05 -36.05 -15.76
N ALA B 26 -28.79 -36.41 -15.95
CA ALA B 26 -28.09 -37.21 -14.95
C ALA B 26 -27.93 -36.45 -13.64
N ARG B 27 -27.61 -35.16 -13.73
CA ARG B 27 -27.47 -34.36 -12.51
C ARG B 27 -28.81 -34.19 -11.80
N LYS B 28 -29.90 -34.06 -12.57
CA LYS B 28 -31.22 -33.96 -11.95
C LYS B 28 -31.63 -35.27 -11.31
N ALA B 29 -31.27 -36.40 -11.94
CA ALA B 29 -31.61 -37.70 -11.36
C ALA B 29 -30.81 -37.96 -10.09
N CYS B 30 -29.54 -37.57 -10.08
CA CYS B 30 -28.72 -37.74 -8.89
C CYS B 30 -29.07 -36.76 -7.78
N ALA B 31 -29.92 -35.77 -8.04
CA ALA B 31 -30.29 -34.76 -7.05
C ALA B 31 -31.62 -35.13 -6.40
N ASP B 32 -31.55 -36.10 -5.50
CA ASP B 32 -32.74 -36.53 -4.75
C ASP B 32 -33.08 -35.58 -3.62
N ALA B 33 -32.12 -34.80 -3.13
CA ALA B 33 -32.36 -33.85 -2.05
C ALA B 33 -31.45 -32.64 -2.27
N THR B 34 -31.36 -31.78 -1.25
CA THR B 34 -30.54 -30.60 -1.31
C THR B 34 -29.71 -30.51 -0.04
N LEU B 35 -28.64 -29.70 -0.11
CA LEU B 35 -27.75 -29.56 1.05
C LEU B 35 -28.47 -28.85 2.20
N SER B 36 -29.32 -27.88 1.89
CA SER B 36 -30.04 -27.16 2.94
C SER B 36 -31.05 -28.06 3.64
N GLN B 37 -31.74 -28.91 2.88
CA GLN B 37 -32.73 -29.80 3.47
C GLN B 37 -32.08 -30.80 4.42
N ILE B 38 -30.81 -31.15 4.17
CA ILE B 38 -30.14 -32.12 5.02
C ILE B 38 -29.48 -31.43 6.21
N THR B 39 -28.91 -30.24 5.99
CA THR B 39 -28.23 -29.50 7.04
C THR B 39 -29.17 -28.62 7.85
N ASN B 40 -30.48 -28.70 7.60
CA ASN B 40 -31.43 -27.92 8.39
C ASN B 40 -31.43 -28.38 9.86
N ASN B 41 -31.18 -29.67 10.09
CA ASN B 41 -31.18 -30.18 11.46
C ASN B 41 -29.90 -29.81 12.22
N ILE B 42 -28.87 -29.36 11.52
CA ILE B 42 -27.62 -28.99 12.19
C ILE B 42 -27.81 -27.67 12.92
N ASP B 43 -27.29 -27.60 14.14
CA ASP B 43 -27.38 -26.37 14.92
C ASP B 43 -26.56 -25.28 14.26
N PRO B 44 -27.02 -24.03 14.27
CA PRO B 44 -26.29 -22.95 13.62
C PRO B 44 -25.01 -22.61 14.37
N VAL B 45 -24.05 -22.05 13.63
CA VAL B 45 -22.79 -21.64 14.24
C VAL B 45 -23.01 -20.45 15.17
N GLY B 46 -23.85 -19.51 14.76
CA GLY B 46 -24.12 -18.32 15.53
C GLY B 46 -23.23 -17.15 15.11
N ARG B 47 -23.51 -16.00 15.72
CA ARG B 47 -22.74 -14.80 15.42
C ARG B 47 -21.31 -14.97 15.89
N ILE B 48 -20.36 -14.74 14.97
CA ILE B 48 -18.94 -14.85 15.27
C ILE B 48 -18.36 -13.45 15.39
N GLN B 49 -17.30 -13.34 16.18
CA GLN B 49 -16.63 -12.07 16.43
C GLN B 49 -15.14 -12.23 16.16
N MET B 50 -14.68 -11.69 15.03
CA MET B 50 -13.28 -11.71 14.66
C MET B 50 -12.73 -10.29 14.70
N ARG B 51 -11.76 -10.05 15.56
CA ARG B 51 -11.15 -8.75 15.72
C ARG B 51 -9.80 -8.70 15.01
N THR B 52 -9.36 -7.48 14.71
CA THR B 52 -8.08 -7.25 14.04
C THR B 52 -6.97 -7.44 15.05
N ARG B 53 -6.43 -8.66 15.12
CA ARG B 53 -5.33 -8.93 16.03
C ARG B 53 -4.05 -8.24 15.57
N ARG B 54 -3.75 -8.31 14.28
CA ARG B 54 -2.55 -7.69 13.72
C ARG B 54 -2.95 -6.82 12.52
N THR B 55 -2.36 -5.64 12.45
CA THR B 55 -2.58 -4.70 11.35
C THR B 55 -1.24 -4.54 10.62
N LEU B 56 -1.00 -5.40 9.64
CA LEU B 56 0.25 -5.38 8.90
C LEU B 56 0.18 -4.29 7.84
N ARG B 57 0.99 -3.25 8.01
CA ARG B 57 1.03 -2.13 7.08
C ARG B 57 2.45 -1.95 6.57
N GLY B 58 2.56 -1.19 5.47
CA GLY B 58 3.86 -0.93 4.88
C GLY B 58 3.80 -0.89 3.36
N HIS B 59 2.75 -1.46 2.79
CA HIS B 59 2.60 -1.45 1.34
C HIS B 59 2.39 -0.04 0.81
N LEU B 60 3.01 0.26 -0.32
CA LEU B 60 2.92 1.58 -0.94
C LEU B 60 1.75 1.72 -1.90
N ALA B 61 1.11 0.61 -2.26
CA ALA B 61 -0.03 0.63 -3.17
C ALA B 61 -1.04 -0.41 -2.69
N LYS B 62 -2.02 -0.70 -3.53
CA LYS B 62 -3.07 -1.64 -3.15
C LYS B 62 -2.55 -3.07 -3.15
N ILE B 63 -2.97 -3.83 -2.15
CA ILE B 63 -2.60 -5.24 -2.03
C ILE B 63 -3.51 -6.05 -2.94
N TYR B 64 -2.94 -6.97 -3.71
CA TYR B 64 -3.70 -7.72 -4.70
C TYR B 64 -3.82 -9.20 -4.40
N ALA B 65 -2.82 -9.82 -3.77
CA ALA B 65 -2.85 -11.25 -3.53
C ALA B 65 -2.17 -11.58 -2.21
N MET B 66 -2.41 -12.79 -1.73
CA MET B 66 -1.81 -13.28 -0.49
C MET B 66 -1.76 -14.80 -0.55
N HIS B 67 -0.90 -15.38 0.30
CA HIS B 67 -0.82 -16.82 0.43
C HIS B 67 -0.10 -17.15 1.73
N TRP B 68 -0.51 -18.26 2.34
CA TRP B 68 0.04 -18.72 3.60
C TRP B 68 0.95 -19.91 3.36
N GLY B 69 1.99 -20.03 4.19
CA GLY B 69 2.86 -21.18 4.13
C GLY B 69 2.40 -22.31 5.04
N THR B 70 3.15 -23.41 5.02
CA THR B 70 2.82 -24.54 5.86
C THR B 70 3.03 -24.21 7.34
N ASP B 71 4.01 -23.36 7.64
CA ASP B 71 4.28 -22.98 9.02
C ASP B 71 3.16 -22.12 9.61
N SER B 72 2.26 -21.60 8.78
CA SER B 72 1.12 -20.80 9.24
C SER B 72 1.57 -19.54 9.98
N ARG B 73 2.76 -19.05 9.68
CA ARG B 73 3.30 -17.85 10.31
C ARG B 73 3.77 -16.78 9.34
N LEU B 74 4.34 -17.17 8.21
CA LEU B 74 4.84 -16.21 7.22
C LEU B 74 3.74 -15.98 6.18
N LEU B 75 3.52 -14.72 5.83
CA LEU B 75 2.50 -14.33 4.87
C LEU B 75 3.13 -13.49 3.77
N VAL B 76 2.83 -13.82 2.52
CA VAL B 76 3.33 -13.11 1.35
C VAL B 76 2.20 -12.25 0.80
N SER B 77 2.51 -11.01 0.42
CA SER B 77 1.53 -10.10 -0.14
C SER B 77 2.15 -9.30 -1.27
N ALA B 78 1.40 -9.16 -2.36
CA ALA B 78 1.84 -8.44 -3.54
C ALA B 78 1.17 -7.07 -3.61
N SER B 79 1.93 -6.06 -3.98
CA SER B 79 1.42 -4.70 -4.10
C SER B 79 1.64 -4.17 -5.51
N GLN B 80 0.75 -3.28 -5.94
CA GLN B 80 0.82 -2.68 -7.26
C GLN B 80 2.06 -1.82 -7.47
N ASP B 81 2.78 -1.47 -6.40
CA ASP B 81 4.03 -0.74 -6.51
C ASP B 81 5.21 -1.66 -6.82
N GLY B 82 4.94 -2.88 -7.27
CA GLY B 82 6.01 -3.81 -7.61
C GLY B 82 6.79 -4.30 -6.42
N LYS B 83 6.11 -4.82 -5.41
CA LYS B 83 6.76 -5.34 -4.22
C LYS B 83 6.03 -6.56 -3.69
N LEU B 84 6.80 -7.61 -3.42
CA LEU B 84 6.35 -8.78 -2.68
C LEU B 84 6.91 -8.67 -1.26
N ILE B 85 6.03 -8.54 -0.28
CA ILE B 85 6.42 -8.45 1.12
C ILE B 85 6.02 -9.73 1.82
N ILE B 86 7.01 -10.46 2.34
CA ILE B 86 6.79 -11.65 3.13
C ILE B 86 7.13 -11.32 4.57
N TRP B 87 6.12 -11.30 5.43
CA TRP B 87 6.27 -10.85 6.80
C TRP B 87 5.74 -11.88 7.78
N ASP B 88 6.26 -11.82 9.00
CA ASP B 88 5.83 -12.70 10.09
C ASP B 88 4.51 -12.20 10.63
N SER B 89 3.59 -13.12 10.93
CA SER B 89 2.27 -12.72 11.41
C SER B 89 2.25 -12.52 12.91
N TYR B 90 3.15 -13.17 13.64
CA TYR B 90 3.14 -13.10 15.10
C TYR B 90 3.69 -11.77 15.61
N THR B 91 4.64 -11.15 14.90
CA THR B 91 5.24 -9.92 15.38
C THR B 91 5.21 -8.80 14.35
N THR B 92 4.50 -8.99 13.24
CA THR B 92 4.33 -7.98 12.21
C THR B 92 5.65 -7.43 11.69
N ASN B 93 6.68 -8.27 11.65
CA ASN B 93 7.99 -7.88 11.15
C ASN B 93 8.15 -8.38 9.71
N LYS B 94 8.62 -7.50 8.84
CA LYS B 94 8.80 -7.82 7.42
C LYS B 94 10.06 -8.66 7.27
N VAL B 95 9.89 -9.93 6.91
CA VAL B 95 11.03 -10.83 6.76
C VAL B 95 11.77 -10.53 5.46
N HIS B 96 11.04 -10.32 4.37
CA HIS B 96 11.64 -10.00 3.09
C HIS B 96 10.74 -9.02 2.34
N ALA B 97 11.38 -8.17 1.54
CA ALA B 97 10.65 -7.24 0.68
C ALA B 97 11.40 -7.17 -0.65
N ILE B 98 10.88 -7.85 -1.66
CA ILE B 98 11.55 -8.01 -2.94
C ILE B 98 10.83 -7.18 -3.98
N PRO B 99 11.51 -6.28 -4.69
CA PRO B 99 10.87 -5.57 -5.79
C PRO B 99 10.72 -6.45 -7.02
N LEU B 100 9.75 -6.11 -7.86
CA LEU B 100 9.45 -6.87 -9.05
C LEU B 100 9.89 -6.10 -10.30
N ARG B 101 10.26 -6.85 -11.34
CA ARG B 101 10.60 -6.22 -12.61
C ARG B 101 9.38 -5.55 -13.23
N SER B 102 8.22 -6.20 -13.14
CA SER B 102 6.96 -5.64 -13.61
C SER B 102 6.15 -5.23 -12.39
N SER B 103 5.84 -3.93 -12.29
CA SER B 103 5.11 -3.43 -11.14
C SER B 103 3.66 -3.91 -11.11
N TRP B 104 3.14 -4.40 -12.23
CA TRP B 104 1.75 -4.85 -12.32
C TRP B 104 1.71 -6.33 -11.95
N VAL B 105 1.43 -6.62 -10.68
CA VAL B 105 1.34 -7.98 -10.17
C VAL B 105 -0.09 -8.22 -9.71
N MET B 106 -0.62 -9.40 -10.02
CA MET B 106 -1.99 -9.75 -9.68
C MET B 106 -2.12 -11.00 -8.84
N THR B 107 -1.09 -11.85 -8.75
CA THR B 107 -1.17 -13.08 -7.99
C THR B 107 0.20 -13.41 -7.40
N CYS B 108 0.17 -13.97 -6.19
CA CYS B 108 1.38 -14.43 -5.52
C CYS B 108 1.07 -15.74 -4.82
N ALA B 109 2.08 -16.62 -4.78
CA ALA B 109 1.94 -17.95 -4.21
C ALA B 109 3.16 -18.28 -3.36
N TYR B 110 2.92 -18.86 -2.19
CA TYR B 110 3.97 -19.26 -1.27
C TYR B 110 4.13 -20.77 -1.33
N ALA B 111 5.36 -21.23 -1.50
CA ALA B 111 5.60 -22.66 -1.63
C ALA B 111 5.30 -23.37 -0.32
N PRO B 112 4.82 -24.61 -0.36
CA PRO B 112 4.55 -25.33 0.89
C PRO B 112 5.79 -25.58 1.73
N SER B 113 6.94 -25.77 1.10
CA SER B 113 8.18 -25.96 1.84
C SER B 113 8.76 -24.66 2.37
N GLY B 114 8.29 -23.51 1.90
CA GLY B 114 8.78 -22.23 2.35
C GLY B 114 10.05 -21.75 1.68
N ASN B 115 10.59 -22.51 0.73
CA ASN B 115 11.84 -22.14 0.09
C ASN B 115 11.66 -21.21 -1.09
N TYR B 116 10.51 -21.24 -1.76
CA TYR B 116 10.29 -20.49 -2.98
C TYR B 116 9.02 -19.66 -2.87
N VAL B 117 8.94 -18.64 -3.74
CA VAL B 117 7.75 -17.82 -3.88
C VAL B 117 7.55 -17.55 -5.37
N ALA B 118 6.30 -17.33 -5.76
CA ALA B 118 5.97 -17.07 -7.15
C ALA B 118 5.05 -15.86 -7.25
N CYS B 119 5.20 -15.13 -8.35
CA CYS B 119 4.38 -13.95 -8.59
C CYS B 119 4.08 -13.83 -10.08
N GLY B 120 2.95 -13.20 -10.37
CA GLY B 120 2.54 -12.95 -11.75
C GLY B 120 1.49 -11.86 -11.79
N GLY B 121 1.22 -11.40 -13.00
CA GLY B 121 0.24 -10.33 -13.17
C GLY B 121 -0.03 -9.97 -14.62
N LEU B 122 -0.10 -8.66 -14.89
CA LEU B 122 -0.36 -8.20 -16.26
C LEU B 122 0.75 -8.63 -17.21
N ASP B 123 1.98 -8.69 -16.72
CA ASP B 123 3.06 -9.24 -17.51
C ASP B 123 2.90 -10.76 -17.62
N ASN B 124 3.21 -11.30 -18.80
CA ASN B 124 3.06 -12.72 -19.06
C ASN B 124 4.22 -13.54 -18.50
N ILE B 125 5.04 -12.96 -17.63
CA ILE B 125 6.20 -13.63 -17.06
C ILE B 125 5.89 -13.98 -15.61
N CYS B 126 5.91 -15.28 -15.31
CA CYS B 126 5.77 -15.77 -13.95
C CYS B 126 7.16 -15.83 -13.31
N SER B 127 7.35 -15.05 -12.25
CA SER B 127 8.65 -14.90 -11.60
C SER B 127 8.68 -15.71 -10.32
N ILE B 128 9.61 -16.64 -10.22
CA ILE B 128 9.79 -17.48 -9.04
C ILE B 128 11.12 -17.11 -8.39
N TYR B 129 11.06 -16.73 -7.12
CA TYR B 129 12.20 -16.35 -6.33
C TYR B 129 12.50 -17.41 -5.28
N ASN B 130 13.78 -17.52 -4.90
CA ASN B 130 14.24 -18.45 -3.88
C ASN B 130 14.51 -17.67 -2.60
N LEU B 131 13.71 -17.93 -1.56
CA LEU B 131 13.89 -17.24 -0.29
C LEU B 131 15.15 -17.71 0.42
N LYS B 132 15.40 -19.02 0.40
CA LYS B 132 16.54 -19.60 1.09
C LYS B 132 17.73 -19.64 0.12
N THR B 133 18.65 -18.70 0.30
CA THR B 133 19.84 -18.62 -0.54
C THR B 133 21.03 -18.24 0.31
N ARG B 134 22.22 -18.65 -0.13
CA ARG B 134 23.44 -18.32 0.60
C ARG B 134 23.81 -16.86 0.45
N GLU B 135 23.41 -16.23 -0.66
CA GLU B 135 23.71 -14.83 -0.87
C GLU B 135 22.89 -13.91 0.03
N GLY B 136 21.87 -14.44 0.69
CA GLY B 136 21.05 -13.67 1.60
C GLY B 136 19.93 -12.88 0.96
N ASN B 137 20.19 -12.20 -0.15
CA ASN B 137 19.17 -11.45 -0.87
C ASN B 137 18.37 -12.40 -1.75
N VAL B 138 17.04 -12.28 -1.69
CA VAL B 138 16.16 -13.16 -2.45
C VAL B 138 16.23 -12.78 -3.92
N ARG B 139 16.93 -13.59 -4.71
CA ARG B 139 17.13 -13.32 -6.12
C ARG B 139 15.98 -13.89 -6.95
N VAL B 140 16.02 -13.64 -8.25
CA VAL B 140 15.01 -14.13 -9.18
C VAL B 140 15.51 -15.46 -9.72
N SER B 141 14.94 -16.56 -9.23
CA SER B 141 15.38 -17.88 -9.66
C SER B 141 14.95 -18.18 -11.09
N ARG B 142 13.70 -17.90 -11.43
CA ARG B 142 13.19 -18.21 -12.75
C ARG B 142 12.20 -17.13 -13.19
N GLU B 143 12.14 -16.92 -14.50
CA GLU B 143 11.26 -15.95 -15.14
C GLU B 143 10.44 -16.63 -16.22
N LEU B 144 9.77 -17.72 -15.86
CA LEU B 144 9.17 -18.60 -16.84
C LEU B 144 7.96 -17.92 -17.50
N ALA B 145 7.97 -17.89 -18.83
CA ALA B 145 6.94 -17.18 -19.58
C ALA B 145 6.70 -17.91 -20.90
N GLY B 146 5.52 -18.52 -21.02
CA GLY B 146 5.09 -19.09 -22.29
C GLY B 146 3.61 -18.84 -22.55
N HIS B 147 2.96 -17.99 -21.77
CA HIS B 147 1.54 -17.68 -21.94
C HIS B 147 1.36 -16.57 -22.96
N THR B 148 0.15 -16.49 -23.50
CA THR B 148 -0.22 -15.44 -24.44
C THR B 148 -1.08 -14.35 -23.81
N GLY B 149 -1.35 -14.45 -22.51
CA GLY B 149 -2.17 -13.46 -21.82
C GLY B 149 -1.61 -13.14 -20.45
N TYR B 150 -2.26 -12.20 -19.79
CA TYR B 150 -1.81 -11.77 -18.47
C TYR B 150 -2.08 -12.85 -17.44
N LEU B 151 -1.11 -13.05 -16.54
CA LEU B 151 -1.25 -14.05 -15.50
C LEU B 151 -2.28 -13.61 -14.46
N SER B 152 -3.02 -14.57 -13.92
CA SER B 152 -4.13 -14.30 -13.01
C SER B 152 -4.00 -15.02 -11.67
N CYS B 153 -3.50 -16.25 -11.68
CA CYS B 153 -3.37 -17.01 -10.44
C CYS B 153 -2.18 -17.96 -10.54
N CYS B 154 -1.58 -18.24 -9.39
CA CYS B 154 -0.44 -19.15 -9.29
C CYS B 154 -0.57 -19.96 -8.01
N ARG B 155 -0.21 -21.24 -8.10
CA ARG B 155 -0.21 -22.14 -6.95
C ARG B 155 0.94 -23.13 -7.08
N PHE B 156 1.50 -23.50 -5.94
CA PHE B 156 2.66 -24.38 -5.87
C PHE B 156 2.19 -25.79 -5.53
N LEU B 157 2.47 -26.74 -6.41
CA LEU B 157 2.22 -28.14 -6.09
C LEU B 157 3.33 -28.71 -5.21
N ASP B 158 4.57 -28.41 -5.55
CA ASP B 158 5.74 -28.83 -4.79
C ASP B 158 6.87 -27.86 -5.08
N ASP B 159 8.09 -28.23 -4.69
CA ASP B 159 9.25 -27.39 -4.98
C ASP B 159 9.59 -27.35 -6.46
N ASN B 160 9.00 -28.24 -7.27
CA ASN B 160 9.29 -28.31 -8.70
C ASN B 160 8.09 -28.00 -9.58
N GLN B 161 6.91 -28.49 -9.25
CA GLN B 161 5.71 -28.31 -10.07
C GLN B 161 4.95 -27.08 -9.61
N ILE B 162 4.52 -26.26 -10.57
CA ILE B 162 3.74 -25.06 -10.29
C ILE B 162 2.67 -24.89 -11.36
N VAL B 163 1.44 -24.59 -10.91
CA VAL B 163 0.31 -24.41 -11.81
C VAL B 163 -0.01 -22.92 -11.90
N THR B 164 -0.25 -22.45 -13.12
CA THR B 164 -0.53 -21.04 -13.37
C THR B 164 -1.68 -20.92 -14.37
N SER B 165 -2.39 -19.80 -14.31
CA SER B 165 -3.46 -19.48 -15.24
C SER B 165 -3.21 -18.08 -15.82
N SER B 166 -3.53 -17.91 -17.09
CA SER B 166 -3.26 -16.66 -17.79
C SER B 166 -4.55 -16.04 -18.31
N GLY B 167 -4.41 -14.94 -19.04
CA GLY B 167 -5.57 -14.28 -19.61
C GLY B 167 -6.29 -15.14 -20.63
N ASP B 168 -5.55 -15.89 -21.43
CA ASP B 168 -6.15 -16.81 -22.37
C ASP B 168 -6.80 -17.98 -21.63
N THR B 169 -7.60 -18.75 -22.38
CA THR B 169 -8.32 -19.86 -21.79
C THR B 169 -7.44 -21.09 -21.66
N THR B 170 -6.28 -20.95 -21.04
CA THR B 170 -5.34 -22.05 -20.85
C THR B 170 -4.78 -22.02 -19.45
N CYS B 171 -4.39 -23.19 -18.95
CA CYS B 171 -3.66 -23.33 -17.70
C CYS B 171 -2.38 -24.10 -17.98
N ALA B 172 -1.33 -23.82 -17.20
CA ALA B 172 -0.02 -24.38 -17.48
C ALA B 172 0.60 -24.93 -16.20
N LEU B 173 1.05 -26.18 -16.27
CA LEU B 173 1.83 -26.81 -15.22
C LEU B 173 3.29 -26.83 -15.65
N TRP B 174 4.14 -26.13 -14.90
CA TRP B 174 5.55 -25.96 -15.19
C TRP B 174 6.39 -26.72 -14.17
N ASP B 175 7.60 -27.08 -14.60
CA ASP B 175 8.61 -27.67 -13.72
C ASP B 175 9.80 -26.73 -13.64
N ILE B 176 10.54 -26.84 -12.54
CA ILE B 176 11.70 -25.97 -12.33
C ILE B 176 12.96 -26.58 -12.93
N GLU B 177 13.03 -27.91 -12.94
CA GLU B 177 14.21 -28.59 -13.47
C GLU B 177 14.40 -28.28 -14.96
N THR B 178 13.36 -28.47 -15.76
CA THR B 178 13.46 -28.17 -17.19
C THR B 178 13.19 -26.69 -17.45
N GLY B 179 12.24 -26.09 -16.74
CA GLY B 179 11.92 -24.69 -16.88
C GLY B 179 10.91 -24.36 -17.96
N GLN B 180 10.27 -25.35 -18.57
CA GLN B 180 9.31 -25.14 -19.64
C GLN B 180 7.92 -25.57 -19.18
N GLN B 181 6.94 -25.33 -20.04
CA GLN B 181 5.55 -25.67 -19.76
C GLN B 181 5.37 -27.18 -19.96
N THR B 182 5.28 -27.91 -18.84
CA THR B 182 5.18 -29.37 -18.93
C THR B 182 3.80 -29.80 -19.40
N THR B 183 2.74 -29.27 -18.79
CA THR B 183 1.38 -29.67 -19.10
C THR B 183 0.55 -28.45 -19.46
N THR B 184 -0.33 -28.61 -20.45
CA THR B 184 -1.16 -27.53 -20.95
C THR B 184 -2.62 -27.96 -20.91
N PHE B 185 -3.49 -27.05 -20.47
CA PHE B 185 -4.93 -27.29 -20.40
C PHE B 185 -5.63 -26.22 -21.22
N THR B 186 -6.33 -26.65 -22.27
CA THR B 186 -6.96 -25.76 -23.24
C THR B 186 -8.44 -26.09 -23.40
N GLY B 187 -9.16 -26.24 -22.29
CA GLY B 187 -10.56 -26.59 -22.37
C GLY B 187 -11.51 -25.44 -22.10
N HIS B 188 -11.01 -24.39 -21.46
CA HIS B 188 -11.86 -23.24 -21.13
C HIS B 188 -12.17 -22.42 -22.38
N THR B 189 -13.07 -21.46 -22.20
CA THR B 189 -13.46 -20.55 -23.28
C THR B 189 -13.27 -19.08 -22.93
N GLY B 190 -13.12 -18.75 -21.65
CA GLY B 190 -12.98 -17.38 -21.21
C GLY B 190 -11.65 -17.10 -20.54
N ASP B 191 -11.61 -16.01 -19.79
CA ASP B 191 -10.40 -15.55 -19.10
C ASP B 191 -10.33 -16.25 -17.74
N VAL B 192 -9.42 -17.21 -17.62
CA VAL B 192 -9.25 -17.93 -16.36
C VAL B 192 -8.76 -16.95 -15.30
N MET B 193 -9.31 -17.05 -14.10
CA MET B 193 -9.08 -16.06 -13.04
C MET B 193 -8.32 -16.63 -11.85
N SER B 194 -8.80 -17.70 -11.23
CA SER B 194 -8.25 -18.19 -9.98
C SER B 194 -8.04 -19.69 -10.03
N LEU B 195 -7.08 -20.15 -9.21
CA LEU B 195 -6.73 -21.56 -9.11
C LEU B 195 -6.70 -21.98 -7.65
N SER B 196 -7.08 -23.22 -7.38
CA SER B 196 -7.04 -23.79 -6.04
C SER B 196 -6.67 -25.26 -6.15
N LEU B 197 -5.57 -25.64 -5.53
CA LEU B 197 -5.08 -27.02 -5.57
C LEU B 197 -5.74 -27.84 -4.49
N ALA B 198 -6.13 -29.06 -4.83
CA ALA B 198 -6.72 -29.97 -3.86
C ALA B 198 -5.65 -30.42 -2.87
N PRO B 199 -6.06 -30.83 -1.66
CA PRO B 199 -5.06 -31.25 -0.66
C PRO B 199 -4.19 -32.42 -1.11
N ASP B 200 -4.72 -33.33 -1.93
CA ASP B 200 -3.92 -34.45 -2.40
C ASP B 200 -2.96 -34.08 -3.52
N THR B 201 -2.97 -32.81 -3.97
CA THR B 201 -2.07 -32.32 -5.01
C THR B 201 -2.20 -33.15 -6.29
N ARG B 202 -3.45 -33.42 -6.67
CA ARG B 202 -3.73 -34.15 -7.91
C ARG B 202 -4.84 -33.54 -8.74
N LEU B 203 -5.64 -32.63 -8.21
CA LEU B 203 -6.74 -32.00 -8.93
C LEU B 203 -6.78 -30.52 -8.58
N PHE B 204 -7.33 -29.72 -9.50
CA PHE B 204 -7.51 -28.31 -9.22
C PHE B 204 -8.64 -27.74 -10.06
N VAL B 205 -9.50 -26.95 -9.44
CA VAL B 205 -10.63 -26.31 -10.12
C VAL B 205 -10.23 -24.91 -10.51
N SER B 206 -10.68 -24.48 -11.70
CA SER B 206 -10.36 -23.17 -12.24
C SER B 206 -11.60 -22.56 -12.85
N GLY B 207 -11.86 -21.29 -12.54
CA GLY B 207 -12.94 -20.54 -13.14
C GLY B 207 -12.44 -19.55 -14.17
N ALA B 208 -13.30 -19.25 -15.14
CA ALA B 208 -12.93 -18.39 -16.25
C ALA B 208 -13.93 -17.24 -16.33
N CYS B 209 -13.83 -16.45 -17.41
CA CYS B 209 -14.72 -15.31 -17.58
C CYS B 209 -16.16 -15.76 -17.81
N ASP B 210 -16.35 -16.98 -18.31
CA ASP B 210 -17.69 -17.51 -18.42
C ASP B 210 -18.10 -18.18 -17.10
N ALA B 211 -19.34 -18.65 -17.07
CA ALA B 211 -19.88 -19.29 -15.87
C ALA B 211 -19.40 -20.72 -15.68
N SER B 212 -18.38 -21.17 -16.41
CA SER B 212 -17.92 -22.54 -16.34
C SER B 212 -16.69 -22.64 -15.46
N ALA B 213 -16.78 -23.46 -14.41
CA ALA B 213 -15.64 -23.81 -13.57
C ALA B 213 -15.27 -25.26 -13.83
N LYS B 214 -14.03 -25.49 -14.25
CA LYS B 214 -13.60 -26.80 -14.71
C LYS B 214 -12.57 -27.39 -13.75
N LEU B 215 -12.72 -28.68 -13.46
CA LEU B 215 -11.75 -29.42 -12.66
C LEU B 215 -10.74 -30.10 -13.58
N TRP B 216 -9.46 -29.89 -13.32
CA TRP B 216 -8.39 -30.43 -14.13
C TRP B 216 -7.52 -31.36 -13.28
N ASP B 217 -7.11 -32.47 -13.89
CA ASP B 217 -6.20 -33.40 -13.23
C ASP B 217 -4.77 -33.08 -13.60
N VAL B 218 -3.87 -33.21 -12.61
CA VAL B 218 -2.46 -32.88 -12.83
C VAL B 218 -1.79 -33.96 -13.68
N ARG B 219 -2.09 -35.23 -13.41
CA ARG B 219 -1.44 -36.33 -14.09
C ARG B 219 -2.02 -36.60 -15.47
N GLU B 220 -3.35 -36.63 -15.59
CA GLU B 220 -3.96 -36.93 -16.88
C GLU B 220 -3.82 -35.76 -17.85
N GLY B 221 -4.22 -34.57 -17.41
CA GLY B 221 -4.13 -33.39 -18.25
C GLY B 221 -5.42 -33.01 -18.97
N MET B 222 -6.55 -33.56 -18.56
CA MET B 222 -7.84 -33.26 -19.18
C MET B 222 -8.84 -32.86 -18.11
N CYS B 223 -9.83 -32.05 -18.52
CA CYS B 223 -10.85 -31.58 -17.61
C CYS B 223 -11.85 -32.70 -17.36
N ARG B 224 -11.86 -33.22 -16.13
CA ARG B 224 -12.74 -34.33 -15.80
C ARG B 224 -14.19 -33.88 -15.69
N GLN B 225 -14.43 -32.75 -15.01
CA GLN B 225 -15.78 -32.25 -14.80
C GLN B 225 -15.81 -30.75 -15.06
N THR B 226 -16.99 -30.26 -15.41
CA THR B 226 -17.24 -28.83 -15.55
C THR B 226 -18.57 -28.50 -14.89
N PHE B 227 -18.68 -27.25 -14.43
CA PHE B 227 -19.86 -26.78 -13.71
C PHE B 227 -20.26 -25.43 -14.31
N THR B 228 -21.43 -25.38 -14.92
CA THR B 228 -21.97 -24.17 -15.53
C THR B 228 -23.26 -23.80 -14.80
N GLY B 229 -23.12 -23.04 -13.72
CA GLY B 229 -24.27 -22.64 -12.93
C GLY B 229 -24.29 -21.17 -12.53
N HIS B 230 -23.21 -20.42 -12.73
CA HIS B 230 -23.18 -19.01 -12.39
C HIS B 230 -23.79 -18.18 -13.51
N GLU B 231 -23.75 -16.85 -13.34
CA GLU B 231 -24.27 -15.93 -14.33
C GLU B 231 -23.25 -14.91 -14.82
N SER B 232 -22.09 -14.80 -14.18
CA SER B 232 -21.07 -13.84 -14.57
C SER B 232 -19.71 -14.52 -14.43
N ASP B 233 -18.65 -13.71 -14.50
CA ASP B 233 -17.29 -14.24 -14.46
C ASP B 233 -16.91 -14.66 -13.04
N ILE B 234 -16.42 -15.89 -12.91
CA ILE B 234 -15.93 -16.39 -11.63
C ILE B 234 -14.56 -15.79 -11.35
N ASN B 235 -14.45 -15.09 -10.22
CA ASN B 235 -13.22 -14.39 -9.87
C ASN B 235 -12.43 -15.07 -8.76
N ALA B 236 -13.09 -15.82 -7.89
CA ALA B 236 -12.42 -16.48 -6.77
C ALA B 236 -12.70 -17.97 -6.80
N ILE B 237 -11.86 -18.72 -6.09
CA ILE B 237 -11.99 -20.17 -6.01
C ILE B 237 -11.34 -20.64 -4.72
N CYS B 238 -11.81 -21.77 -4.21
CA CYS B 238 -11.24 -22.36 -3.01
C CYS B 238 -11.72 -23.80 -2.90
N PHE B 239 -10.78 -24.70 -2.65
CA PHE B 239 -11.09 -26.11 -2.49
C PHE B 239 -11.51 -26.40 -1.05
N PHE B 240 -12.45 -27.33 -0.90
CA PHE B 240 -12.88 -27.74 0.43
C PHE B 240 -11.75 -28.50 1.12
N PRO B 241 -11.62 -28.37 2.45
CA PRO B 241 -10.57 -29.09 3.16
C PRO B 241 -10.53 -30.58 2.86
N ASN B 242 -11.69 -31.20 2.61
CA ASN B 242 -11.71 -32.62 2.29
C ASN B 242 -11.13 -32.89 0.92
N GLY B 243 -11.51 -32.10 -0.07
CA GLY B 243 -11.00 -32.24 -1.43
C GLY B 243 -12.02 -32.64 -2.47
N ASN B 244 -13.29 -32.81 -2.10
CA ASN B 244 -14.33 -33.19 -3.04
C ASN B 244 -15.35 -32.08 -3.27
N ALA B 245 -15.08 -30.88 -2.79
CA ALA B 245 -15.98 -29.75 -2.98
C ALA B 245 -15.17 -28.48 -3.18
N PHE B 246 -15.81 -27.46 -3.76
CA PHE B 246 -15.15 -26.18 -3.98
C PHE B 246 -16.20 -25.10 -4.16
N ALA B 247 -15.87 -23.90 -3.66
CA ALA B 247 -16.76 -22.76 -3.74
C ALA B 247 -16.28 -21.79 -4.81
N THR B 248 -17.24 -21.19 -5.52
CA THR B 248 -16.95 -20.25 -6.60
C THR B 248 -17.71 -18.97 -6.35
N GLY B 249 -16.99 -17.85 -6.36
CA GLY B 249 -17.58 -16.52 -6.27
C GLY B 249 -17.44 -15.81 -7.60
N SER B 250 -18.48 -15.05 -7.97
CA SER B 250 -18.52 -14.39 -9.26
C SER B 250 -18.79 -12.90 -9.05
N ASP B 251 -19.04 -12.19 -10.15
CA ASP B 251 -19.30 -10.76 -10.09
C ASP B 251 -20.61 -10.45 -9.37
N ASP B 252 -21.50 -11.44 -9.22
CA ASP B 252 -22.69 -11.26 -8.42
C ASP B 252 -22.44 -11.72 -6.98
N ALA B 253 -23.38 -11.38 -6.10
CA ALA B 253 -23.24 -11.71 -4.68
C ALA B 253 -23.37 -13.21 -4.41
N THR B 254 -23.60 -14.02 -5.43
CA THR B 254 -23.80 -15.44 -5.21
C THR B 254 -22.47 -16.18 -5.16
N CYS B 255 -22.27 -16.98 -4.11
CA CYS B 255 -21.14 -17.89 -4.00
C CYS B 255 -21.68 -19.31 -3.99
N ARG B 256 -21.38 -20.06 -5.04
CA ARG B 256 -21.99 -21.37 -5.25
C ARG B 256 -21.00 -22.48 -4.89
N LEU B 257 -21.47 -23.47 -4.15
CA LEU B 257 -20.65 -24.60 -3.73
C LEU B 257 -20.95 -25.80 -4.61
N PHE B 258 -19.93 -26.33 -5.28
CA PHE B 258 -20.05 -27.51 -6.12
C PHE B 258 -19.32 -28.68 -5.47
N ASP B 259 -19.78 -29.88 -5.78
CA ASP B 259 -19.20 -31.12 -5.26
C ASP B 259 -18.65 -31.93 -6.41
N LEU B 260 -17.42 -32.41 -6.27
CA LEU B 260 -16.78 -33.18 -7.34
C LEU B 260 -17.43 -34.54 -7.50
N ARG B 261 -17.76 -35.20 -6.38
CA ARG B 261 -18.33 -36.54 -6.45
C ARG B 261 -19.75 -36.50 -7.04
N ALA B 262 -20.56 -35.54 -6.62
CA ALA B 262 -21.92 -35.44 -7.13
C ALA B 262 -21.99 -34.74 -8.48
N ASP B 263 -20.97 -33.95 -8.83
CA ASP B 263 -20.92 -33.22 -10.10
C ASP B 263 -22.13 -32.30 -10.24
N GLN B 264 -22.42 -31.53 -9.18
CA GLN B 264 -23.58 -30.65 -9.18
C GLN B 264 -23.41 -29.64 -8.06
N GLU B 265 -24.08 -28.50 -8.21
CA GLU B 265 -24.04 -27.46 -7.19
C GLU B 265 -24.82 -27.89 -5.95
N LEU B 266 -24.32 -27.51 -4.78
CA LEU B 266 -24.96 -27.87 -3.53
C LEU B 266 -25.79 -26.72 -2.97
N MET B 267 -25.17 -25.57 -2.74
CA MET B 267 -25.88 -24.41 -2.22
C MET B 267 -25.35 -23.14 -2.87
N THR B 268 -26.08 -22.06 -2.68
CA THR B 268 -25.74 -20.75 -3.23
C THR B 268 -25.86 -19.71 -2.12
N TYR B 269 -24.74 -19.39 -1.48
CA TYR B 269 -24.71 -18.39 -0.41
C TYR B 269 -24.84 -17.01 -1.04
N SER B 270 -25.96 -16.34 -0.78
CA SER B 270 -26.20 -15.00 -1.30
C SER B 270 -27.28 -14.34 -0.46
N HIS B 271 -27.28 -13.00 -0.50
CA HIS B 271 -28.26 -12.22 0.23
C HIS B 271 -28.70 -11.05 -0.63
N ASP B 272 -29.95 -10.61 -0.41
CA ASP B 272 -30.49 -9.51 -1.21
C ASP B 272 -29.79 -8.20 -0.89
N ASN B 273 -29.33 -8.02 0.36
CA ASN B 273 -28.65 -6.79 0.73
C ASN B 273 -27.33 -6.63 -0.03
N ILE B 274 -26.59 -7.72 -0.16
CA ILE B 274 -25.30 -7.69 -0.86
C ILE B 274 -25.56 -7.69 -2.36
N ILE B 275 -24.97 -6.74 -3.07
CA ILE B 275 -25.11 -6.63 -4.52
C ILE B 275 -23.78 -6.51 -5.24
N CYS B 276 -22.67 -6.42 -4.51
CA CYS B 276 -21.36 -6.30 -5.12
C CYS B 276 -20.84 -7.66 -5.55
N GLY B 277 -19.59 -7.70 -5.99
CA GLY B 277 -18.98 -8.91 -6.49
C GLY B 277 -18.17 -9.65 -5.44
N ILE B 278 -17.34 -10.57 -5.93
CA ILE B 278 -16.46 -11.38 -5.09
C ILE B 278 -15.05 -11.31 -5.65
N THR B 279 -14.08 -11.02 -4.78
CA THR B 279 -12.69 -10.96 -5.16
C THR B 279 -11.83 -12.05 -4.55
N SER B 280 -12.27 -12.68 -3.47
CA SER B 280 -11.49 -13.72 -2.81
C SER B 280 -12.41 -14.57 -1.95
N VAL B 281 -12.22 -15.89 -2.04
CA VAL B 281 -13.01 -16.87 -1.29
C VAL B 281 -12.06 -17.87 -0.66
N SER B 282 -12.22 -18.12 0.63
CA SER B 282 -11.39 -19.07 1.35
C SER B 282 -12.22 -19.85 2.34
N PHE B 283 -11.84 -21.11 2.56
CA PHE B 283 -12.51 -22.00 3.50
C PHE B 283 -11.70 -22.10 4.79
N SER B 284 -12.42 -22.41 5.88
CA SER B 284 -11.76 -22.71 7.14
C SER B 284 -11.16 -24.11 7.09
N LYS B 285 -10.44 -24.47 8.16
CA LYS B 285 -9.84 -25.80 8.21
C LYS B 285 -10.91 -26.88 8.38
N SER B 286 -11.95 -26.59 9.15
CA SER B 286 -13.02 -27.55 9.34
C SER B 286 -13.96 -27.60 8.14
N GLY B 287 -14.04 -26.51 7.37
CA GLY B 287 -14.96 -26.43 6.26
C GLY B 287 -16.36 -25.98 6.63
N ARG B 288 -16.61 -25.65 7.90
CA ARG B 288 -17.93 -25.23 8.32
C ARG B 288 -18.17 -23.76 7.97
N LEU B 289 -17.17 -22.92 8.14
CA LEU B 289 -17.28 -21.50 7.85
C LEU B 289 -16.58 -21.18 6.53
N LEU B 290 -17.29 -20.52 5.63
CA LEU B 290 -16.76 -20.13 4.33
C LEU B 290 -16.61 -18.62 4.29
N LEU B 291 -15.37 -18.16 4.16
CA LEU B 291 -15.05 -16.74 4.14
C LEU B 291 -14.95 -16.24 2.71
N ALA B 292 -15.53 -15.07 2.45
CA ALA B 292 -15.58 -14.51 1.11
C ALA B 292 -15.39 -13.01 1.18
N GLY B 293 -14.42 -12.50 0.42
CA GLY B 293 -14.19 -11.08 0.30
C GLY B 293 -14.98 -10.50 -0.86
N TYR B 294 -15.75 -9.46 -0.58
CA TYR B 294 -16.61 -8.83 -1.55
C TYR B 294 -16.01 -7.52 -2.02
N ASP B 295 -16.61 -6.94 -3.07
CA ASP B 295 -16.12 -5.69 -3.61
C ASP B 295 -16.39 -4.52 -2.68
N ASP B 296 -17.33 -4.67 -1.75
CA ASP B 296 -17.60 -3.61 -0.79
C ASP B 296 -16.46 -3.52 0.22
N PHE B 297 -16.62 -2.60 1.18
CA PHE B 297 -15.57 -2.36 2.17
C PHE B 297 -15.71 -3.30 3.36
N ASN B 298 -15.83 -4.60 3.10
CA ASN B 298 -15.96 -5.58 4.18
C ASN B 298 -15.87 -6.97 3.58
N CYS B 299 -15.80 -7.97 4.45
CA CYS B 299 -15.78 -9.38 4.09
C CYS B 299 -16.88 -10.10 4.87
N ASN B 300 -17.30 -11.26 4.36
CA ASN B 300 -18.37 -12.01 4.99
C ASN B 300 -17.90 -13.42 5.29
N VAL B 301 -18.57 -14.04 6.27
CA VAL B 301 -18.34 -15.43 6.64
C VAL B 301 -19.69 -16.11 6.73
N TRP B 302 -19.95 -17.02 5.79
CA TRP B 302 -21.20 -17.76 5.72
C TRP B 302 -21.03 -19.13 6.33
N ASP B 303 -22.16 -19.77 6.64
CA ASP B 303 -22.20 -21.15 7.07
C ASP B 303 -22.20 -22.03 5.83
N ALA B 304 -21.16 -22.84 5.66
CA ALA B 304 -21.02 -23.63 4.44
C ALA B 304 -22.09 -24.73 4.36
N LEU B 305 -22.69 -25.08 5.50
CA LEU B 305 -23.69 -26.14 5.49
C LEU B 305 -25.11 -25.59 5.49
N LYS B 306 -25.38 -24.58 6.33
CA LYS B 306 -26.73 -24.04 6.46
C LYS B 306 -27.00 -22.83 5.58
N ALA B 307 -25.98 -22.29 4.93
CA ALA B 307 -26.12 -21.16 4.00
C ALA B 307 -26.77 -19.95 4.67
N ASP B 308 -26.06 -19.42 5.67
CA ASP B 308 -26.49 -18.23 6.39
C ASP B 308 -25.28 -17.36 6.69
N ARG B 309 -25.48 -16.04 6.64
CA ARG B 309 -24.41 -15.09 6.90
C ARG B 309 -24.08 -15.11 8.38
N ALA B 310 -22.99 -15.81 8.75
CA ALA B 310 -22.64 -15.96 10.15
C ALA B 310 -21.97 -14.71 10.70
N GLY B 311 -21.08 -14.10 9.93
CA GLY B 311 -20.33 -12.95 10.44
C GLY B 311 -19.95 -11.99 9.34
N VAL B 312 -19.65 -10.77 9.75
CA VAL B 312 -19.23 -9.70 8.85
C VAL B 312 -18.01 -9.02 9.46
N LEU B 313 -16.97 -8.82 8.65
CA LEU B 313 -15.74 -8.15 9.07
C LEU B 313 -15.62 -6.85 8.26
N ALA B 314 -15.93 -5.73 8.91
CA ALA B 314 -15.93 -4.43 8.27
C ALA B 314 -14.72 -3.59 8.65
N GLY B 315 -13.55 -4.22 8.80
CA GLY B 315 -12.35 -3.53 9.21
C GLY B 315 -11.57 -2.86 8.10
N HIS B 316 -11.87 -3.16 6.84
CA HIS B 316 -11.14 -2.60 5.71
C HIS B 316 -11.92 -1.42 5.13
N ASP B 317 -11.18 -0.37 4.76
CA ASP B 317 -11.80 0.84 4.24
C ASP B 317 -11.99 0.78 2.73
N ASN B 318 -11.21 -0.04 2.03
CA ASN B 318 -11.28 -0.15 0.59
C ASN B 318 -11.74 -1.55 0.18
N ARG B 319 -11.75 -1.81 -1.12
CA ARG B 319 -12.24 -3.08 -1.64
C ARG B 319 -11.32 -4.23 -1.23
N VAL B 320 -11.90 -5.23 -0.58
CA VAL B 320 -11.15 -6.42 -0.17
C VAL B 320 -10.72 -7.17 -1.43
N SER B 321 -9.42 -7.40 -1.57
CA SER B 321 -8.87 -8.05 -2.75
C SER B 321 -8.48 -9.51 -2.51
N CYS B 322 -7.73 -9.77 -1.44
CA CYS B 322 -7.22 -11.11 -1.16
C CYS B 322 -7.67 -11.57 0.21
N LEU B 323 -7.87 -12.88 0.34
CA LEU B 323 -8.34 -13.47 1.58
C LEU B 323 -7.76 -14.88 1.69
N GLY B 324 -7.18 -15.19 2.83
CA GLY B 324 -6.58 -16.50 3.05
C GLY B 324 -6.81 -16.98 4.45
N VAL B 325 -6.82 -18.31 4.60
CA VAL B 325 -6.97 -18.97 5.90
C VAL B 325 -5.75 -19.85 6.12
N THR B 326 -5.19 -19.79 7.32
CA THR B 326 -4.00 -20.57 7.63
C THR B 326 -4.30 -22.06 7.56
N ASP B 327 -3.26 -22.86 7.36
CA ASP B 327 -3.43 -24.31 7.25
C ASP B 327 -3.95 -24.90 8.55
N ASP B 328 -3.40 -24.46 9.69
CA ASP B 328 -3.88 -24.96 10.97
C ASP B 328 -5.22 -24.31 11.35
N GLY B 329 -5.63 -23.26 10.62
CA GLY B 329 -6.88 -22.58 10.87
C GLY B 329 -6.81 -21.58 12.01
N MET B 330 -5.61 -21.22 12.46
CA MET B 330 -5.49 -20.33 13.61
C MET B 330 -6.00 -18.93 13.30
N ALA B 331 -5.54 -18.35 12.19
CA ALA B 331 -5.87 -16.97 11.83
C ALA B 331 -6.38 -16.89 10.40
N VAL B 332 -6.91 -15.73 10.05
CA VAL B 332 -7.40 -15.45 8.69
C VAL B 332 -6.84 -14.10 8.26
N ALA B 333 -6.12 -14.07 7.15
CA ALA B 333 -5.55 -12.85 6.62
C ALA B 333 -6.46 -12.25 5.55
N THR B 334 -6.60 -10.93 5.60
CA THR B 334 -7.46 -10.20 4.66
C THR B 334 -6.71 -8.97 4.18
N GLY B 335 -6.63 -8.80 2.87
CA GLY B 335 -5.95 -7.65 2.30
C GLY B 335 -6.80 -6.90 1.30
N SER B 336 -7.00 -5.61 1.53
CA SER B 336 -7.81 -4.77 0.68
C SER B 336 -6.92 -3.78 -0.07
N TRP B 337 -7.56 -2.90 -0.84
CA TRP B 337 -6.84 -1.93 -1.65
C TRP B 337 -6.34 -0.73 -0.86
N ASP B 338 -6.49 -0.73 0.47
CA ASP B 338 -6.02 0.36 1.32
C ASP B 338 -4.61 0.10 1.85
N SER B 339 -3.85 -0.78 1.20
CA SER B 339 -2.48 -1.14 1.56
C SER B 339 -2.36 -1.68 2.97
N PHE B 340 -3.44 -2.21 3.54
CA PHE B 340 -3.45 -2.71 4.92
C PHE B 340 -3.83 -4.18 4.92
N LEU B 341 -2.96 -5.01 5.48
CA LEU B 341 -3.24 -6.42 5.71
C LEU B 341 -3.65 -6.63 7.16
N LYS B 342 -4.77 -7.32 7.37
CA LYS B 342 -5.31 -7.53 8.71
C LYS B 342 -5.42 -9.02 8.99
N ILE B 343 -5.34 -9.36 10.28
CA ILE B 343 -5.42 -10.74 10.76
C ILE B 343 -6.59 -10.85 11.70
N TRP B 344 -7.39 -11.89 11.54
CA TRP B 344 -8.59 -12.12 12.34
C TRP B 344 -8.52 -13.48 13.00
N ASN B 345 -8.90 -13.53 14.27
CA ASN B 345 -8.91 -14.78 15.03
C ASN B 345 -10.27 -15.00 15.69
N ASN C 5 0.23 66.12 30.68
CA ASN C 5 0.06 65.12 29.63
C ASN C 5 -1.41 64.83 29.36
N THR C 6 -1.82 64.95 28.10
CA THR C 6 -3.20 64.68 27.70
C THR C 6 -3.44 63.19 27.71
N CYS C 7 -4.09 62.72 28.78
CA CYS C 7 -4.38 61.30 28.94
C CYS C 7 -5.37 60.83 27.88
N GLY C 8 -6.52 61.51 27.78
CA GLY C 8 -7.53 61.16 26.81
C GLY C 8 -8.25 59.86 27.07
N SER C 9 -8.09 59.27 28.25
CA SER C 9 -8.76 58.00 28.58
C SER C 9 -10.19 58.25 29.04
N SER C 10 -10.98 58.81 28.13
CA SER C 10 -12.39 59.11 28.38
C SER C 10 -13.29 58.13 27.64
N ASP C 11 -14.42 57.81 28.28
CA ASP C 11 -15.39 56.89 27.69
C ASP C 11 -15.98 57.46 26.40
N LEU C 12 -16.26 56.61 25.43
CA LEU C 12 -16.80 57.05 24.15
C LEU C 12 -18.31 57.08 24.19
N THR C 13 -18.90 58.28 24.14
CA THR C 13 -20.35 58.44 24.16
C THR C 13 -20.91 58.29 22.76
N TRP C 14 -21.95 57.46 22.63
CA TRP C 14 -22.61 57.24 21.35
C TRP C 14 -24.08 57.64 21.48
N PRO C 15 -24.68 58.22 20.44
CA PRO C 15 -26.10 58.54 20.50
C PRO C 15 -26.94 57.29 20.67
N PRO C 16 -28.17 57.42 21.18
CA PRO C 16 -29.02 56.22 21.36
C PRO C 16 -29.29 55.46 20.08
N ALA C 17 -29.43 56.16 18.95
CA ALA C 17 -29.67 55.49 17.69
C ALA C 17 -28.47 54.64 17.29
N ILE C 18 -27.26 55.21 17.37
CA ILE C 18 -26.05 54.46 17.01
C ILE C 18 -25.82 53.32 18.00
N LYS C 19 -26.15 53.53 19.27
CA LYS C 19 -26.00 52.47 20.26
C LYS C 19 -26.94 51.30 19.98
N LEU C 20 -28.21 51.59 19.67
CA LEU C 20 -29.14 50.52 19.32
C LEU C 20 -28.72 49.84 18.02
N GLY C 21 -28.17 50.61 17.07
CA GLY C 21 -27.68 50.01 15.84
C GLY C 21 -26.54 49.04 16.09
N PHE C 22 -25.58 49.43 16.93
CA PHE C 22 -24.48 48.54 17.28
C PHE C 22 -24.97 47.32 18.06
N TYR C 23 -25.96 47.50 18.94
CA TYR C 23 -26.52 46.37 19.66
C TYR C 23 -27.17 45.37 18.71
N ALA C 24 -27.98 45.87 17.76
CA ALA C 24 -28.60 44.98 16.78
C ALA C 24 -27.56 44.31 15.89
N TYR C 25 -26.50 45.05 15.52
CA TYR C 25 -25.43 44.47 14.71
C TYR C 25 -24.77 43.32 15.45
N LEU C 26 -24.37 43.55 16.70
CA LEU C 26 -23.75 42.53 17.53
C LEU C 26 -24.68 41.35 17.82
N GLY C 27 -25.97 41.58 17.89
CA GLY C 27 -26.91 40.49 18.09
C GLY C 27 -27.04 39.62 16.86
N VAL C 28 -27.30 40.25 15.71
CA VAL C 28 -27.39 39.51 14.46
C VAL C 28 -26.10 38.75 14.19
N LEU C 29 -24.96 39.39 14.46
CA LEU C 29 -23.66 38.73 14.28
C LEU C 29 -23.54 37.53 15.22
N LEU C 30 -23.66 37.77 16.53
CA LEU C 30 -23.48 36.71 17.53
C LEU C 30 -24.51 35.60 17.42
N VAL C 31 -25.58 35.80 16.64
CA VAL C 31 -26.52 34.71 16.39
C VAL C 31 -26.14 33.98 15.11
N LEU C 32 -26.10 34.72 14.00
CA LEU C 32 -25.90 34.11 12.69
C LEU C 32 -24.54 33.41 12.60
N GLY C 33 -23.46 34.14 12.91
CA GLY C 33 -22.14 33.56 12.81
C GLY C 33 -21.94 32.40 13.77
N LEU C 34 -22.53 32.52 14.96
CA LEU C 34 -22.46 31.44 15.93
C LEU C 34 -23.10 30.17 15.37
N LEU C 35 -24.31 30.30 14.83
CA LEU C 35 -24.99 29.13 14.26
C LEU C 35 -24.22 28.56 13.08
N LEU C 36 -23.68 29.44 12.22
CA LEU C 36 -22.95 28.98 11.04
C LEU C 36 -21.70 28.19 11.44
N ASN C 37 -20.90 28.76 12.36
CA ASN C 37 -19.69 28.07 12.80
C ASN C 37 -20.00 26.80 13.59
N SER C 38 -21.09 26.79 14.36
CA SER C 38 -21.49 25.58 15.07
C SER C 38 -21.84 24.46 14.09
N LEU C 39 -22.66 24.77 13.07
CA LEU C 39 -22.98 23.77 12.06
C LEU C 39 -21.73 23.34 11.29
N ALA C 40 -20.81 24.27 11.05
CA ALA C 40 -19.58 23.93 10.34
C ALA C 40 -18.74 22.95 11.14
N LEU C 41 -18.54 23.22 12.43
CA LEU C 41 -17.83 22.27 13.28
C LEU C 41 -18.59 20.96 13.45
N TRP C 42 -19.92 20.98 13.37
CA TRP C 42 -20.68 19.74 13.48
C TRP C 42 -20.51 18.87 12.24
N VAL C 43 -20.39 19.51 11.07
CA VAL C 43 -20.25 18.72 9.84
C VAL C 43 -18.79 18.38 9.54
N PHE C 44 -17.86 19.23 9.98
CA PHE C 44 -16.44 19.01 9.70
C PHE C 44 -15.74 18.16 10.73
N CYS C 45 -16.46 17.50 11.63
CA CYS C 45 -15.85 16.64 12.64
C CYS C 45 -16.41 15.23 12.66
N CYS C 46 -17.71 15.05 12.40
CA CYS C 46 -18.32 13.72 12.44
C CYS C 46 -19.01 13.40 11.12
N ARG C 47 -19.57 14.38 10.42
CA ARG C 47 -20.32 14.09 9.20
C ARG C 47 -19.39 13.78 8.04
N MET C 48 -18.45 14.69 7.75
CA MET C 48 -17.54 14.48 6.63
C MET C 48 -16.52 13.40 6.94
N GLN C 49 -16.00 12.78 5.89
CA GLN C 49 -14.96 11.76 6.00
C GLN C 49 -13.75 12.17 5.18
N GLN C 50 -12.73 11.31 5.19
CA GLN C 50 -11.49 11.54 4.45
C GLN C 50 -10.85 12.86 4.85
N TRP C 51 -10.33 12.93 6.07
CA TRP C 51 -9.67 14.13 6.60
C TRP C 51 -8.56 14.55 5.65
N THR C 52 -8.72 15.74 5.08
CA THR C 52 -7.71 16.29 4.19
C THR C 52 -7.13 17.58 4.76
N GLU C 53 -6.25 18.21 3.98
CA GLU C 53 -5.60 19.43 4.44
C GLU C 53 -6.61 20.57 4.59
N THR C 54 -7.44 20.80 3.56
CA THR C 54 -8.41 21.87 3.64
C THR C 54 -9.46 21.61 4.71
N ARG C 55 -9.78 20.33 4.98
CA ARG C 55 -10.72 20.03 6.04
C ARG C 55 -10.15 20.43 7.40
N ILE C 56 -8.86 20.14 7.64
CA ILE C 56 -8.22 20.53 8.89
C ILE C 56 -8.17 22.05 9.00
N TYR C 57 -7.85 22.72 7.88
CA TYR C 57 -7.83 24.18 7.89
C TYR C 57 -9.20 24.77 8.23
N MET C 58 -10.25 24.24 7.61
CA MET C 58 -11.60 24.73 7.89
C MET C 58 -12.03 24.43 9.31
N THR C 59 -11.64 23.26 9.84
CA THR C 59 -11.96 22.94 11.22
C THR C 59 -11.30 23.92 12.19
N ASN C 60 -10.00 24.20 11.98
CA ASN C 60 -9.32 25.17 12.83
C ASN C 60 -9.92 26.56 12.68
N LEU C 61 -10.30 26.95 11.47
CA LEU C 61 -10.92 28.26 11.26
C LEU C 61 -12.25 28.35 11.99
N ALA C 62 -13.06 27.30 11.94
CA ALA C 62 -14.34 27.31 12.63
C ALA C 62 -14.14 27.34 14.14
N VAL C 63 -13.14 26.61 14.64
CA VAL C 63 -12.85 26.65 16.07
C VAL C 63 -12.46 28.06 16.50
N ALA C 64 -11.58 28.70 15.73
CA ALA C 64 -11.15 30.05 16.05
C ALA C 64 -12.32 31.04 15.99
N ASP C 65 -13.19 30.88 14.99
CA ASP C 65 -14.34 31.77 14.88
C ASP C 65 -15.30 31.60 16.06
N LEU C 66 -15.56 30.34 16.45
CA LEU C 66 -16.43 30.10 17.60
C LEU C 66 -15.82 30.67 18.87
N CYS C 67 -14.52 30.50 19.06
CA CYS C 67 -13.86 31.07 20.24
C CYS C 67 -13.97 32.58 20.26
N LEU C 68 -13.75 33.22 19.11
CA LEU C 68 -13.86 34.68 19.03
C LEU C 68 -15.28 35.13 19.34
N LEU C 69 -16.28 34.44 18.78
CA LEU C 69 -17.67 34.84 19.00
C LEU C 69 -18.10 34.60 20.45
N CYS C 70 -17.52 33.60 21.10
CA CYS C 70 -17.83 33.35 22.51
C CYS C 70 -17.10 34.30 23.44
N THR C 71 -15.93 34.80 23.06
CA THR C 71 -15.17 35.71 23.91
C THR C 71 -15.50 37.18 23.66
N LEU C 72 -16.15 37.50 22.54
CA LEU C 72 -16.54 38.89 22.26
C LEU C 72 -17.48 39.47 23.30
N PRO C 73 -18.51 38.77 23.80
CA PRO C 73 -19.35 39.36 24.86
C PRO C 73 -18.57 39.71 26.12
N PHE C 74 -17.59 38.87 26.50
CA PHE C 74 -16.78 39.17 27.67
C PHE C 74 -15.98 40.45 27.46
N VAL C 75 -15.44 40.64 26.25
CA VAL C 75 -14.70 41.87 25.95
C VAL C 75 -15.63 43.07 25.98
N LEU C 76 -16.82 42.93 25.42
CA LEU C 76 -17.78 44.03 25.43
C LEU C 76 -18.19 44.40 26.84
N HIS C 77 -18.30 43.40 27.73
CA HIS C 77 -18.68 43.67 29.11
C HIS C 77 -17.53 44.32 29.88
N SER C 78 -16.33 43.75 29.80
CA SER C 78 -15.18 44.25 30.55
C SER C 78 -14.41 45.32 29.81
N LEU C 79 -14.97 45.94 28.77
CA LEU C 79 -14.26 46.99 28.05
C LEU C 79 -14.08 48.25 28.89
N ARG C 80 -15.03 48.52 29.79
CA ARG C 80 -15.05 49.78 30.54
C ARG C 80 -14.39 49.57 31.91
N ASP C 81 -13.09 49.30 31.87
CA ASP C 81 -12.32 49.23 33.11
C ASP C 81 -11.11 50.16 33.04
N THR C 82 -10.43 50.13 31.90
CA THR C 82 -9.43 51.11 31.46
C THR C 82 -8.12 51.07 32.21
N SER C 83 -8.02 50.31 33.32
CA SER C 83 -6.74 50.32 34.01
C SER C 83 -6.05 48.97 34.14
N ASP C 84 -6.62 48.06 34.92
CA ASP C 84 -5.89 46.83 35.25
C ASP C 84 -6.76 45.59 35.42
N THR C 85 -7.93 45.54 34.79
CA THR C 85 -8.82 44.43 35.09
C THR C 85 -8.31 43.13 34.49
N PRO C 86 -8.07 42.10 35.32
CA PRO C 86 -7.55 40.82 34.79
C PRO C 86 -8.56 40.13 33.89
N LEU C 87 -9.84 40.30 34.19
CA LEU C 87 -10.89 39.74 33.34
C LEU C 87 -10.81 40.32 31.94
N CYS C 88 -10.68 41.64 31.84
CA CYS C 88 -10.48 42.27 30.53
C CYS C 88 -9.22 41.76 29.86
N GLN C 89 -8.14 41.63 30.63
CA GLN C 89 -6.88 41.14 30.07
C GLN C 89 -7.06 39.77 29.43
N LEU C 90 -7.64 38.82 30.16
CA LEU C 90 -7.82 37.48 29.62
C LEU C 90 -8.77 37.48 28.44
N SER C 91 -9.89 38.20 28.55
CA SER C 91 -10.88 38.21 27.46
C SER C 91 -10.27 38.77 26.19
N GLN C 92 -9.62 39.93 26.27
CA GLN C 92 -9.02 40.53 25.08
C GLN C 92 -7.84 39.73 24.56
N GLY C 93 -7.09 39.07 25.45
CA GLY C 93 -6.02 38.20 24.99
C GLY C 93 -6.55 37.05 24.15
N ILE C 94 -7.59 36.37 24.64
CA ILE C 94 -8.18 35.27 23.88
C ILE C 94 -8.81 35.80 22.59
N TYR C 95 -9.40 37.01 22.65
CA TYR C 95 -10.01 37.61 21.47
C TYR C 95 -8.98 37.86 20.38
N LEU C 96 -7.87 38.52 20.74
CA LEU C 96 -6.81 38.77 19.77
C LEU C 96 -6.18 37.47 19.29
N THR C 97 -6.02 36.48 20.18
CA THR C 97 -5.51 35.18 19.78
C THR C 97 -6.39 34.58 18.69
N ASN C 98 -7.70 34.56 18.92
CA ASN C 98 -8.62 33.99 17.94
C ASN C 98 -8.59 34.77 16.63
N ARG C 99 -8.56 36.11 16.71
CA ARG C 99 -8.59 36.90 15.49
C ARG C 99 -7.34 36.70 14.65
N TYR C 100 -6.16 36.80 15.26
CA TYR C 100 -4.93 36.61 14.52
C TYR C 100 -4.72 35.16 14.10
N MET C 101 -5.27 34.19 14.85
CA MET C 101 -5.23 32.80 14.39
C MET C 101 -6.12 32.61 13.18
N SER C 102 -7.28 33.27 13.13
CA SER C 102 -8.11 33.23 11.94
C SER C 102 -7.40 33.85 10.75
N ILE C 103 -6.69 34.97 10.98
CA ILE C 103 -5.92 35.58 9.91
C ILE C 103 -4.84 34.63 9.41
N SER C 104 -4.12 34.02 10.32
CA SER C 104 -3.06 33.10 9.94
C SER C 104 -3.62 31.92 9.19
N LEU C 105 -4.78 31.46 9.60
CA LEU C 105 -5.38 30.33 8.95
C LEU C 105 -5.82 30.70 7.54
N VAL C 106 -6.44 31.85 7.35
CA VAL C 106 -6.76 32.30 6.01
C VAL C 106 -5.49 32.37 5.15
N THR C 107 -4.39 32.85 5.74
CA THR C 107 -3.13 32.86 5.03
C THR C 107 -2.64 31.46 4.67
N ALA C 108 -2.79 30.50 5.58
CA ALA C 108 -2.38 29.13 5.30
C ALA C 108 -3.26 28.51 4.21
N ILE C 109 -4.55 28.82 4.22
CA ILE C 109 -5.43 28.34 3.15
C ILE C 109 -5.03 28.95 1.81
N ALA C 110 -4.67 30.23 1.80
CA ALA C 110 -4.20 30.85 0.56
C ALA C 110 -2.91 30.20 0.07
N VAL C 111 -1.99 29.91 0.99
CA VAL C 111 -0.74 29.26 0.60
C VAL C 111 -1.02 27.86 0.05
N ASP C 112 -1.95 27.13 0.68
CA ASP C 112 -2.29 25.80 0.20
C ASP C 112 -2.92 25.85 -1.18
N ARG C 113 -3.80 26.82 -1.41
CA ARG C 113 -4.40 26.98 -2.74
C ARG C 113 -3.35 27.35 -3.77
N TYR C 114 -2.37 28.19 -3.40
CA TYR C 114 -1.29 28.52 -4.32
C TYR C 114 -0.47 27.29 -4.67
N VAL C 115 -0.19 26.45 -3.67
CA VAL C 115 0.63 25.25 -3.91
C VAL C 115 -0.15 24.25 -4.76
N ALA C 116 -1.46 24.14 -4.54
CA ALA C 116 -2.27 23.15 -5.24
C ALA C 116 -2.72 23.61 -6.62
N VAL C 117 -2.67 24.91 -6.91
CA VAL C 117 -3.11 25.41 -8.20
C VAL C 117 -1.94 25.88 -9.07
N ARG C 118 -1.04 26.71 -8.55
CA ARG C 118 0.10 27.18 -9.34
C ARG C 118 1.09 26.07 -9.65
N HIS C 119 1.38 25.19 -8.68
CA HIS C 119 2.32 24.09 -8.87
C HIS C 119 1.64 22.76 -8.56
N PRO C 120 0.76 22.28 -9.45
CA PRO C 120 0.04 21.03 -9.15
C PRO C 120 0.95 19.81 -9.11
N LEU C 121 1.95 19.74 -9.99
CA LEU C 121 2.85 18.59 -10.02
C LEU C 121 3.75 18.56 -8.79
N ARG C 122 4.29 19.73 -8.40
CA ARG C 122 5.17 19.83 -7.25
C ARG C 122 4.42 19.91 -5.92
N ALA C 123 3.12 19.60 -5.91
CA ALA C 123 2.33 19.59 -4.70
C ALA C 123 1.99 18.19 -4.20
N ARG C 124 2.31 17.15 -4.99
CA ARG C 124 2.03 15.79 -4.57
C ARG C 124 2.96 15.30 -3.47
N GLY C 125 4.05 16.01 -3.20
CA GLY C 125 4.97 15.62 -2.16
C GLY C 125 5.21 16.71 -1.12
N LEU C 126 4.35 17.74 -1.15
CA LEU C 126 4.45 18.84 -0.21
C LEU C 126 3.14 19.13 0.50
N ARG C 127 2.10 18.32 0.26
CA ARG C 127 0.80 18.52 0.88
C ARG C 127 0.31 17.19 1.44
N SER C 128 -0.07 17.20 2.71
CA SER C 128 -0.54 16.00 3.39
C SER C 128 -1.31 16.43 4.63
N PRO C 129 -2.24 15.60 5.12
CA PRO C 129 -2.97 15.95 6.34
C PRO C 129 -2.07 16.17 7.54
N ARG C 130 -0.98 15.42 7.66
CA ARG C 130 -0.01 15.67 8.73
C ARG C 130 0.67 17.03 8.57
N GLN C 131 0.94 17.43 7.32
CA GLN C 131 1.48 18.77 7.08
C GLN C 131 0.47 19.84 7.48
N ALA C 132 -0.82 19.61 7.20
CA ALA C 132 -1.85 20.56 7.62
C ALA C 132 -1.92 20.66 9.14
N ALA C 133 -1.84 19.52 9.82
CA ALA C 133 -1.86 19.53 11.28
C ALA C 133 -0.65 20.27 11.83
N ALA C 134 0.52 20.04 11.24
CA ALA C 134 1.73 20.72 11.69
C ALA C 134 1.63 22.22 11.47
N VAL C 135 1.09 22.64 10.33
CA VAL C 135 0.92 24.06 10.05
C VAL C 135 -0.05 24.69 11.04
N CYS C 136 -1.17 24.03 11.30
CA CYS C 136 -2.13 24.55 12.26
C CYS C 136 -1.52 24.65 13.65
N ALA C 137 -0.74 23.64 14.05
CA ALA C 137 -0.13 23.66 15.38
C ALA C 137 0.90 24.78 15.49
N VAL C 138 1.74 24.95 14.48
CA VAL C 138 2.77 25.99 14.55
C VAL C 138 2.14 27.36 14.48
N LEU C 139 1.02 27.51 13.77
CA LEU C 139 0.33 28.79 13.76
C LEU C 139 -0.30 29.10 15.11
N TRP C 140 -0.93 28.11 15.74
CA TRP C 140 -1.45 28.29 17.09
C TRP C 140 -0.32 28.71 18.05
N VAL C 141 0.81 28.01 17.98
CA VAL C 141 1.92 28.31 18.88
C VAL C 141 2.44 29.72 18.62
N LEU C 142 2.57 30.11 17.36
CA LEU C 142 3.09 31.44 17.03
C LEU C 142 2.14 32.53 17.51
N VAL C 143 0.83 32.33 17.33
CA VAL C 143 -0.14 33.32 17.76
C VAL C 143 -0.15 33.45 19.28
N ILE C 144 -0.11 32.31 19.98
CA ILE C 144 -0.09 32.34 21.45
C ILE C 144 1.17 33.02 21.95
N GLY C 145 2.31 32.73 21.30
CA GLY C 145 3.55 33.37 21.71
C GLY C 145 3.55 34.87 21.45
N SER C 146 2.99 35.28 20.31
CA SER C 146 2.89 36.71 20.02
C SER C 146 1.98 37.41 21.03
N LEU C 147 0.87 36.80 21.40
CA LEU C 147 -0.01 37.39 22.41
C LEU C 147 0.65 37.44 23.78
N VAL C 148 1.39 36.40 24.18
CA VAL C 148 2.09 36.43 25.44
C VAL C 148 3.17 37.51 25.44
N ALA C 149 3.87 37.67 24.31
CA ALA C 149 4.87 38.73 24.21
C ALA C 149 4.23 40.11 24.28
N ARG C 150 3.07 40.29 23.64
CA ARG C 150 2.36 41.56 23.75
C ARG C 150 1.94 41.84 25.18
N TRP C 151 1.43 40.82 25.88
CA TRP C 151 1.05 40.98 27.28
C TRP C 151 2.26 41.37 28.14
N LEU C 152 3.39 40.71 27.88
CA LEU C 152 4.60 40.99 28.66
C LEU C 152 5.11 42.41 28.41
N LEU C 153 5.10 42.84 27.15
CA LEU C 153 5.57 44.17 26.78
C LEU C 153 4.59 45.26 27.16
N GLY C 154 3.32 44.94 27.39
CA GLY C 154 2.35 45.93 27.81
C GLY C 154 2.25 46.07 29.31
N ILE C 155 2.39 44.95 30.03
CA ILE C 155 2.29 45.00 31.48
C ILE C 155 3.48 45.72 32.10
N GLN C 156 4.60 45.84 31.39
CA GLN C 156 5.75 46.54 31.95
C GLN C 156 5.63 48.04 31.75
N GLU C 157 5.20 48.47 30.55
CA GLU C 157 5.06 49.89 30.23
C GLU C 157 3.63 50.12 29.70
N GLY C 158 2.71 50.45 30.60
CA GLY C 158 1.34 50.68 30.19
C GLY C 158 0.40 49.54 30.55
N GLY C 159 -0.23 48.95 29.55
CA GLY C 159 -1.15 47.86 29.79
C GLY C 159 -1.40 47.05 28.54
N PHE C 160 -2.30 46.08 28.62
CA PHE C 160 -2.61 45.27 27.46
C PHE C 160 -4.04 45.52 27.05
N CYS C 161 -4.91 45.84 28.00
CA CYS C 161 -6.30 46.00 27.60
C CYS C 161 -6.43 47.13 26.60
N PHE C 162 -7.56 47.14 25.87
CA PHE C 162 -7.72 48.04 24.74
C PHE C 162 -7.56 49.50 25.15
N ARG C 163 -7.99 49.84 26.35
CA ARG C 163 -7.83 51.21 26.86
C ARG C 163 -6.52 51.37 27.62
N SER C 164 -5.41 51.10 27.01
CA SER C 164 -4.18 51.34 27.73
C SER C 164 -3.54 52.55 27.12
N THR C 165 -2.50 53.06 27.73
CA THR C 165 -1.81 54.17 27.12
C THR C 165 -0.56 53.61 26.53
N ARG C 166 0.26 54.50 25.98
CA ARG C 166 1.54 54.08 25.40
C ARG C 166 1.48 52.72 24.75
N HIS C 167 0.66 52.58 23.71
CA HIS C 167 0.67 51.35 22.96
C HIS C 167 1.96 51.54 22.22
N ASN C 168 3.04 50.98 22.73
CA ASN C 168 4.35 51.24 22.17
C ASN C 168 4.61 50.82 20.76
N PHE C 169 5.75 51.25 20.23
CA PHE C 169 6.12 50.88 18.87
C PHE C 169 6.69 49.48 18.87
N ASN C 170 6.41 48.73 19.91
CA ASN C 170 6.88 47.37 19.98
C ASN C 170 5.75 46.50 20.46
N SER C 171 4.75 47.12 21.05
CA SER C 171 3.62 46.36 21.55
C SER C 171 2.66 46.25 20.42
N MET C 172 2.53 47.33 19.66
CA MET C 172 1.63 47.32 18.51
C MET C 172 2.43 46.98 17.28
N ALA C 173 3.52 46.25 17.47
CA ALA C 173 4.34 45.83 16.35
C ALA C 173 3.81 44.52 15.88
N PHE C 174 3.48 43.63 16.81
CA PHE C 174 2.85 42.39 16.34
C PHE C 174 1.58 42.64 15.54
N PRO C 175 0.69 43.57 15.91
CA PRO C 175 -0.47 43.82 15.04
C PRO C 175 -0.11 44.27 13.63
N LEU C 176 0.78 45.24 13.50
CA LEU C 176 1.14 45.77 12.19
C LEU C 176 2.09 44.85 11.41
N LEU C 177 2.63 43.82 12.06
CA LEU C 177 3.48 42.86 11.36
C LEU C 177 2.82 41.48 11.30
N GLY C 178 1.69 41.29 11.97
CA GLY C 178 0.98 40.03 11.93
C GLY C 178 -0.19 40.04 10.98
N PHE C 179 -0.36 41.16 10.26
CA PHE C 179 -1.41 41.25 9.26
C PHE C 179 -0.86 41.68 7.91
N TYR C 180 0.11 42.61 7.90
CA TYR C 180 0.61 43.13 6.63
C TYR C 180 1.31 42.05 5.82
N LEU C 181 2.20 41.29 6.45
CA LEU C 181 2.83 40.17 5.73
C LEU C 181 1.81 39.10 5.38
N PRO C 182 0.90 38.67 6.28
CA PRO C 182 -0.17 37.77 5.83
C PRO C 182 -1.05 38.35 4.74
N LEU C 183 -1.34 39.65 4.78
CA LEU C 183 -2.12 40.25 3.71
C LEU C 183 -1.40 40.18 2.37
N ALA C 184 -0.09 40.48 2.37
CA ALA C 184 0.67 40.39 1.13
C ALA C 184 0.73 38.95 0.62
N VAL C 185 0.89 37.99 1.53
CA VAL C 185 0.94 36.59 1.12
C VAL C 185 -0.40 36.16 0.53
N VAL C 186 -1.51 36.57 1.17
CA VAL C 186 -2.82 36.21 0.65
C VAL C 186 -3.07 36.85 -0.71
N VAL C 187 -2.66 38.11 -0.89
CA VAL C 187 -2.85 38.78 -2.17
C VAL C 187 -2.04 38.06 -3.25
N PHE C 188 -0.79 37.73 -2.95
CA PHE C 188 0.06 37.03 -3.92
C PHE C 188 -0.54 35.68 -4.29
N CYS C 189 -0.99 34.92 -3.29
CA CYS C 189 -1.55 33.60 -3.55
C CYS C 189 -2.84 33.69 -4.36
N SER C 190 -3.70 34.66 -4.03
CA SER C 190 -4.94 34.82 -4.78
C SER C 190 -4.66 35.23 -6.23
N LEU C 191 -3.72 36.16 -6.44
CA LEU C 191 -3.37 36.55 -7.80
C LEU C 191 -2.80 35.38 -8.59
N LYS C 192 -1.91 34.59 -7.98
CA LYS C 192 -1.34 33.46 -8.69
C LYS C 192 -2.38 32.38 -8.98
N VAL C 193 -3.36 32.20 -8.08
CA VAL C 193 -4.40 31.21 -8.33
C VAL C 193 -5.33 31.67 -9.45
N VAL C 194 -5.71 32.95 -9.44
CA VAL C 194 -6.63 33.42 -10.48
C VAL C 194 -5.91 33.55 -11.83
N THR C 195 -4.58 33.68 -11.82
CA THR C 195 -3.86 33.68 -13.08
C THR C 195 -3.47 32.27 -13.53
N ALA C 196 -3.52 31.30 -12.62
CA ALA C 196 -3.30 29.91 -13.00
C ALA C 196 -4.59 29.23 -13.45
N LEU C 197 -5.73 29.69 -12.93
CA LEU C 197 -7.04 29.19 -13.34
C LEU C 197 -7.51 29.81 -14.65
N ALA C 198 -6.74 30.72 -15.23
CA ALA C 198 -7.09 31.35 -16.49
C ALA C 198 -6.30 30.82 -17.68
N GLN C 199 -5.09 30.31 -17.45
CA GLN C 199 -4.26 29.76 -18.52
C GLN C 199 -4.44 28.26 -18.68
N ARG C 200 -5.54 27.71 -18.17
CA ARG C 200 -5.81 26.28 -18.31
C ARG C 200 -6.11 25.97 -19.78
N PRO C 201 -5.83 24.76 -20.26
CA PRO C 201 -6.13 24.41 -21.65
C PRO C 201 -7.63 24.49 -21.91
N PRO C 202 -8.02 24.88 -23.13
CA PRO C 202 -9.45 24.99 -23.43
C PRO C 202 -10.13 23.63 -23.44
N THR C 203 -11.27 23.55 -22.77
CA THR C 203 -12.03 22.31 -22.67
C THR C 203 -13.53 22.60 -22.81
N ASP C 204 -14.36 21.64 -22.41
CA ASP C 204 -15.81 21.81 -22.48
C ASP C 204 -16.26 22.94 -21.56
N VAL C 205 -17.51 23.39 -21.75
CA VAL C 205 -18.04 24.49 -20.96
C VAL C 205 -18.17 24.15 -19.48
N GLY C 206 -18.23 22.87 -19.11
CA GLY C 206 -18.32 22.52 -17.70
C GLY C 206 -17.09 22.91 -16.92
N GLN C 207 -15.90 22.55 -17.44
CA GLN C 207 -14.67 22.95 -16.79
C GLN C 207 -14.47 24.45 -16.79
N ALA C 208 -14.93 25.14 -17.83
CA ALA C 208 -14.84 26.60 -17.86
C ALA C 208 -15.70 27.21 -16.76
N GLU C 209 -16.94 26.72 -16.61
CA GLU C 209 -17.79 27.20 -15.53
C GLU C 209 -17.19 26.88 -14.17
N ALA C 210 -16.57 25.70 -14.03
CA ALA C 210 -15.96 25.32 -12.76
C ALA C 210 -14.80 26.25 -12.41
N THR C 211 -13.91 26.53 -13.37
CA THR C 211 -12.79 27.40 -13.07
C THR C 211 -13.22 28.84 -12.88
N ARG C 212 -14.28 29.28 -13.56
CA ARG C 212 -14.82 30.61 -13.29
C ARG C 212 -15.41 30.70 -11.90
N LYS C 213 -16.12 29.67 -11.45
CA LYS C 213 -16.65 29.65 -10.09
C LYS C 213 -15.52 29.64 -9.06
N ALA C 214 -14.46 28.89 -9.33
CA ALA C 214 -13.31 28.87 -8.42
C ALA C 214 -12.63 30.22 -8.35
N ALA C 215 -12.45 30.89 -9.49
CA ALA C 215 -11.86 32.23 -9.48
C ALA C 215 -12.74 33.22 -8.75
N ARG C 216 -14.06 33.14 -8.95
CA ARG C 216 -14.98 34.01 -8.24
C ARG C 216 -14.91 33.78 -6.73
N MET C 217 -14.81 32.51 -6.32
CA MET C 217 -14.71 32.21 -4.89
C MET C 217 -13.41 32.72 -4.30
N VAL C 218 -12.30 32.58 -5.03
CA VAL C 218 -11.02 33.09 -4.53
C VAL C 218 -11.06 34.61 -4.41
N TRP C 219 -11.61 35.29 -5.43
CA TRP C 219 -11.74 36.74 -5.35
C TRP C 219 -12.66 37.17 -4.21
N ALA C 220 -13.73 36.42 -3.97
CA ALA C 220 -14.64 36.76 -2.87
C ALA C 220 -13.93 36.60 -1.53
N ASN C 221 -13.16 35.52 -1.37
CA ASN C 221 -12.41 35.34 -0.13
C ASN C 221 -11.40 36.46 0.07
N LEU C 222 -10.69 36.85 -0.99
CA LEU C 222 -9.72 37.94 -0.87
C LEU C 222 -10.39 39.25 -0.50
N LEU C 223 -11.52 39.55 -1.16
CA LEU C 223 -12.22 40.81 -0.89
C LEU C 223 -12.78 40.83 0.53
N VAL C 224 -13.29 39.69 1.00
CA VAL C 224 -13.79 39.61 2.37
C VAL C 224 -12.66 39.83 3.36
N PHE C 225 -11.53 39.17 3.15
CA PHE C 225 -10.37 39.34 4.03
C PHE C 225 -9.94 40.80 4.07
N VAL C 226 -9.85 41.44 2.90
CA VAL C 226 -9.40 42.83 2.85
C VAL C 226 -10.40 43.74 3.55
N VAL C 227 -11.68 43.64 3.18
CA VAL C 227 -12.67 44.54 3.73
C VAL C 227 -12.92 44.30 5.22
N CYS C 228 -12.54 43.14 5.75
CA CYS C 228 -12.75 42.87 7.17
C CYS C 228 -11.54 43.16 8.04
N PHE C 229 -10.32 42.97 7.51
CA PHE C 229 -9.13 43.11 8.34
C PHE C 229 -8.22 44.27 7.97
N LEU C 230 -8.40 44.88 6.79
CA LEU C 230 -7.55 46.01 6.44
C LEU C 230 -8.00 47.32 7.09
N PRO C 231 -9.30 47.70 7.09
CA PRO C 231 -9.69 48.99 7.69
C PRO C 231 -9.29 49.12 9.15
N LEU C 232 -9.25 47.99 9.87
CA LEU C 232 -8.84 48.01 11.27
C LEU C 232 -7.36 48.36 11.40
N HIS C 233 -6.52 47.72 10.58
CA HIS C 233 -5.08 47.93 10.63
C HIS C 233 -4.64 49.19 9.89
N VAL C 234 -5.57 49.91 9.26
CA VAL C 234 -5.27 51.24 8.74
C VAL C 234 -5.31 52.20 9.92
N GLY C 235 -6.35 52.09 10.75
CA GLY C 235 -6.41 52.83 11.99
C GLY C 235 -5.31 52.45 12.97
N LEU C 236 -4.99 51.16 13.08
CA LEU C 236 -3.89 50.75 13.94
C LEU C 236 -2.55 51.30 13.45
N THR C 237 -2.39 51.44 12.12
CA THR C 237 -1.16 52.01 11.59
C THR C 237 -1.09 53.51 11.79
N VAL C 238 -2.17 54.24 11.51
CA VAL C 238 -2.16 55.68 11.71
C VAL C 238 -2.23 56.07 13.18
N ARG C 239 -2.54 55.13 14.07
CA ARG C 239 -2.56 55.44 15.49
C ARG C 239 -1.16 55.63 16.05
N LEU C 240 -0.17 54.95 15.48
CA LEU C 240 1.22 55.06 15.92
C LEU C 240 1.87 56.34 15.43
N ALA C 241 1.19 57.14 14.61
CA ALA C 241 1.68 58.44 14.17
C ALA C 241 1.66 59.48 15.28
N VAL C 242 0.71 59.37 16.20
CA VAL C 242 0.59 60.28 17.35
C VAL C 242 0.47 59.40 18.59
N GLY C 243 1.49 59.45 19.45
CA GLY C 243 1.50 58.63 20.64
C GLY C 243 1.29 59.40 21.92
N TRP C 244 2.39 59.65 22.66
CA TRP C 244 2.34 60.40 23.91
C TRP C 244 1.74 61.78 23.70
N ASN C 245 2.38 62.60 22.87
CA ASN C 245 1.90 63.96 22.63
C ASN C 245 0.76 63.95 21.62
N ALA C 246 -0.38 63.36 22.00
CA ALA C 246 -1.54 63.29 21.12
C ALA C 246 -2.41 64.52 21.29
N CYS C 247 -3.62 64.48 20.73
CA CYS C 247 -4.54 65.61 20.80
C CYS C 247 -5.98 65.11 20.80
N ALA C 248 -6.93 66.01 20.55
CA ALA C 248 -8.34 65.66 20.50
C ALA C 248 -8.67 64.65 19.41
N LEU C 249 -7.77 64.44 18.44
CA LEU C 249 -8.02 63.45 17.40
C LEU C 249 -7.86 62.03 17.93
N LEU C 250 -7.30 61.88 19.13
CA LEU C 250 -7.16 60.54 19.72
C LEU C 250 -8.53 59.92 19.97
N GLU C 251 -9.50 60.72 20.42
CA GLU C 251 -10.86 60.22 20.59
C GLU C 251 -11.50 59.81 19.27
N THR C 252 -11.24 60.58 18.20
CA THR C 252 -11.76 60.20 16.89
C THR C 252 -11.13 58.89 16.41
N ILE C 253 -9.83 58.71 16.63
CA ILE C 253 -9.17 57.47 16.25
C ILE C 253 -9.72 56.31 17.06
N ARG C 254 -9.98 56.53 18.36
CA ARG C 254 -10.55 55.48 19.19
C ARG C 254 -11.95 55.09 18.73
N ARG C 255 -12.76 56.08 18.35
CA ARG C 255 -14.10 55.79 17.86
C ARG C 255 -14.04 55.05 16.53
N ALA C 256 -13.11 55.44 15.66
CA ALA C 256 -12.94 54.75 14.38
C ALA C 256 -12.53 53.31 14.60
N LEU C 257 -11.62 53.06 15.55
CA LEU C 257 -11.21 51.70 15.85
C LEU C 257 -12.35 50.89 16.46
N TYR C 258 -13.17 51.52 17.31
CA TYR C 258 -14.33 50.83 17.86
C TYR C 258 -15.31 50.45 16.76
N ILE C 259 -15.46 51.30 15.75
CA ILE C 259 -16.36 50.97 14.67
C ILE C 259 -15.79 49.84 13.83
N THR C 260 -14.49 49.93 13.51
CA THR C 260 -13.87 48.89 12.70
C THR C 260 -13.75 47.57 13.44
N SER C 261 -13.84 47.56 14.77
CA SER C 261 -13.82 46.31 15.51
C SER C 261 -15.01 45.43 15.14
N LYS C 262 -16.18 46.04 14.93
CA LYS C 262 -17.34 45.27 14.50
C LYS C 262 -17.15 44.70 13.10
N LEU C 263 -16.54 45.48 12.20
CA LEU C 263 -16.28 44.98 10.85
C LEU C 263 -15.26 43.85 10.86
N SER C 264 -14.29 43.93 11.77
CA SER C 264 -13.29 42.86 11.92
C SER C 264 -13.87 41.61 12.57
N ASP C 265 -14.82 41.75 13.49
CA ASP C 265 -15.51 40.61 14.07
C ASP C 265 -16.53 40.00 13.13
N ALA C 266 -17.06 40.76 12.18
CA ALA C 266 -17.95 40.20 11.17
C ALA C 266 -17.23 39.28 10.20
N ASN C 267 -15.90 39.19 10.28
CA ASN C 267 -15.17 38.27 9.43
C ASN C 267 -15.50 36.82 9.78
N CYS C 268 -15.75 36.54 11.06
CA CYS C 268 -16.12 35.19 11.46
C CYS C 268 -17.45 34.75 10.84
N CYS C 269 -18.30 35.71 10.49
CA CYS C 269 -19.56 35.42 9.82
C CYS C 269 -19.41 35.42 8.30
N LEU C 270 -18.60 36.32 7.77
CA LEU C 270 -18.40 36.42 6.33
C LEU C 270 -17.53 35.30 5.77
N ASP C 271 -16.72 34.64 6.60
CA ASP C 271 -15.95 33.50 6.17
C ASP C 271 -16.75 32.21 6.09
N ALA C 272 -17.77 32.07 6.94
CA ALA C 272 -18.64 30.90 6.84
C ALA C 272 -19.44 30.91 5.56
N ILE C 273 -19.88 32.10 5.12
CA ILE C 273 -20.64 32.21 3.88
C ILE C 273 -19.75 32.36 2.65
N CYS C 274 -18.43 32.19 2.80
CA CYS C 274 -17.51 32.29 1.68
C CYS C 274 -16.53 31.13 1.60
N TYR C 275 -16.31 30.40 2.69
CA TYR C 275 -15.41 29.25 2.66
C TYR C 275 -16.20 27.95 2.82
N TYR C 276 -17.16 27.94 3.74
CA TYR C 276 -17.89 26.71 4.04
C TYR C 276 -19.11 26.55 3.13
N TYR C 277 -20.02 27.52 3.16
CA TYR C 277 -21.32 27.33 2.52
C TYR C 277 -21.21 27.43 1.00
N MET C 278 -20.36 28.32 0.50
CA MET C 278 -20.18 28.41 -0.96
C MET C 278 -19.53 27.18 -1.54
N ALA C 279 -18.82 26.39 -0.73
CA ALA C 279 -18.23 25.15 -1.21
C ALA C 279 -19.31 24.11 -1.45
N LYS C 280 -19.10 23.29 -2.49
CA LYS C 280 -20.05 22.25 -2.85
C LYS C 280 -19.96 21.01 -1.98
N GLU C 281 -18.75 20.66 -1.52
CA GLU C 281 -18.58 19.51 -0.64
C GLU C 281 -19.30 19.66 0.68
N PHE C 282 -19.24 20.84 1.31
CA PHE C 282 -19.99 21.08 2.54
C PHE C 282 -21.48 20.94 2.33
N GLN C 283 -22.00 21.45 1.20
CA GLN C 283 -23.42 21.35 0.91
C GLN C 283 -23.83 19.91 0.68
N GLU C 284 -22.99 19.13 0.00
CA GLU C 284 -23.30 17.73 -0.25
C GLU C 284 -23.23 16.92 1.04
N ALA C 285 -22.33 17.30 1.95
CA ALA C 285 -22.20 16.57 3.20
C ALA C 285 -23.35 16.89 4.16
N SER C 286 -23.71 18.16 4.26
CA SER C 286 -24.77 18.56 5.18
C SER C 286 -26.14 18.07 4.70
N ALA C 287 -26.39 18.11 3.40
CA ALA C 287 -27.67 17.65 2.85
C ALA C 287 -27.61 16.17 2.53
N ASN D 5 -11.37 -34.45 -38.22
CA ASN D 5 -10.73 -33.14 -38.26
C ASN D 5 -10.60 -32.64 -39.70
N THR D 6 -11.73 -32.57 -40.40
CA THR D 6 -11.77 -32.10 -41.78
C THR D 6 -12.74 -30.94 -41.90
N ALA D 7 -12.46 -30.07 -42.86
CA ALA D 7 -13.29 -28.88 -43.13
C ALA D 7 -13.41 -28.00 -41.89
N SER D 8 -12.32 -27.90 -41.13
CA SER D 8 -12.26 -27.07 -39.93
C SER D 8 -13.34 -27.45 -38.92
N ILE D 9 -13.52 -28.76 -38.72
CA ILE D 9 -14.49 -29.27 -37.75
C ILE D 9 -13.86 -29.71 -36.44
N ALA D 10 -12.53 -29.59 -36.31
CA ALA D 10 -11.87 -29.99 -35.07
C ALA D 10 -12.22 -29.08 -33.92
N GLN D 11 -12.69 -27.86 -34.20
CA GLN D 11 -13.07 -26.94 -33.13
C GLN D 11 -14.32 -27.39 -32.39
N ALA D 12 -15.11 -28.27 -32.98
CA ALA D 12 -16.31 -28.80 -32.34
C ALA D 12 -16.24 -30.28 -32.03
N ARG D 13 -15.49 -31.06 -32.82
CA ARG D 13 -15.36 -32.49 -32.55
C ARG D 13 -14.65 -32.73 -31.22
N LYS D 14 -13.63 -31.91 -30.93
CA LYS D 14 -12.94 -32.04 -29.64
C LYS D 14 -13.86 -31.71 -28.47
N LEU D 15 -14.69 -30.67 -28.62
CA LEU D 15 -15.64 -30.34 -27.57
C LEU D 15 -16.68 -31.44 -27.38
N VAL D 16 -17.14 -32.04 -28.48
CA VAL D 16 -18.10 -33.14 -28.39
C VAL D 16 -17.47 -34.33 -27.68
N GLU D 17 -16.22 -34.65 -28.02
CA GLU D 17 -15.53 -35.75 -27.36
C GLU D 17 -15.31 -35.47 -25.88
N GLN D 18 -15.00 -34.22 -25.53
CA GLN D 18 -14.80 -33.88 -24.13
C GLN D 18 -16.11 -33.98 -23.35
N LEU D 19 -17.21 -33.53 -23.96
CA LEU D 19 -18.52 -33.68 -23.30
C LEU D 19 -18.90 -35.14 -23.17
N LYS D 20 -18.52 -35.97 -24.15
CA LYS D 20 -18.77 -37.40 -24.04
C LYS D 20 -17.96 -38.02 -22.91
N MET D 21 -16.72 -37.55 -22.71
CA MET D 21 -15.90 -38.07 -21.63
C MET D 21 -16.49 -37.71 -20.27
N GLU D 22 -17.13 -36.55 -20.15
CA GLU D 22 -17.73 -36.10 -18.91
C GLU D 22 -19.06 -36.78 -18.61
N ALA D 23 -19.79 -37.21 -19.63
CA ALA D 23 -21.10 -37.82 -19.43
C ALA D 23 -21.03 -39.28 -18.97
N ASN D 24 -19.86 -39.90 -19.08
CA ASN D 24 -19.69 -41.29 -18.69
C ASN D 24 -19.08 -41.47 -17.30
N ILE D 25 -18.85 -40.38 -16.57
CA ILE D 25 -18.26 -40.49 -15.24
C ILE D 25 -19.32 -41.00 -14.26
N ASP D 26 -18.88 -41.61 -13.17
CA ASP D 26 -19.80 -42.10 -12.16
C ASP D 26 -20.20 -40.96 -11.23
N ARG D 27 -21.50 -40.83 -10.98
CA ARG D 27 -22.05 -39.79 -10.13
C ARG D 27 -22.81 -40.44 -8.97
N ILE D 28 -22.58 -39.90 -7.77
CA ILE D 28 -23.26 -40.38 -6.59
C ILE D 28 -24.42 -39.45 -6.27
N LYS D 29 -25.30 -39.88 -5.38
CA LYS D 29 -26.44 -39.06 -4.97
C LYS D 29 -25.95 -37.84 -4.19
N VAL D 30 -26.66 -36.73 -4.35
CA VAL D 30 -26.30 -35.51 -3.64
C VAL D 30 -26.47 -35.69 -2.14
N SER D 31 -27.40 -36.56 -1.72
CA SER D 31 -27.59 -36.81 -0.30
C SER D 31 -26.34 -37.41 0.33
N LYS D 32 -25.69 -38.36 -0.34
CA LYS D 32 -24.50 -38.99 0.22
C LYS D 32 -23.35 -38.01 0.26
N ALA D 33 -23.21 -37.14 -0.75
CA ALA D 33 -22.16 -36.12 -0.73
C ALA D 33 -22.40 -35.13 0.40
N ALA D 34 -23.65 -34.72 0.61
CA ALA D 34 -23.97 -33.82 1.71
C ALA D 34 -23.69 -34.48 3.05
N ALA D 35 -24.00 -35.77 3.18
CA ALA D 35 -23.71 -36.49 4.42
C ALA D 35 -22.21 -36.58 4.67
N ASP D 36 -21.43 -36.80 3.61
CA ASP D 36 -19.97 -36.83 3.75
C ASP D 36 -19.43 -35.47 4.17
N LEU D 37 -19.97 -34.40 3.58
CA LEU D 37 -19.54 -33.06 3.97
C LEU D 37 -19.89 -32.78 5.44
N MET D 38 -21.09 -33.16 5.86
CA MET D 38 -21.47 -32.97 7.26
C MET D 38 -20.57 -33.77 8.19
N ALA D 39 -20.24 -35.01 7.81
CA ALA D 39 -19.37 -35.83 8.64
C ALA D 39 -17.98 -35.24 8.75
N TYR D 40 -17.46 -34.68 7.64
CA TYR D 40 -16.15 -34.07 7.68
C TYR D 40 -16.16 -32.79 8.50
N CYS D 41 -17.25 -32.02 8.43
CA CYS D 41 -17.33 -30.79 9.21
C CYS D 41 -17.51 -31.09 10.70
N GLU D 42 -18.15 -32.20 11.03
CA GLU D 42 -18.37 -32.54 12.44
C GLU D 42 -17.14 -33.20 13.03
N ALA D 43 -16.41 -34.00 12.25
CA ALA D 43 -15.24 -34.68 12.77
C ALA D 43 -14.14 -33.70 13.13
N HIS D 44 -13.93 -32.68 12.29
CA HIS D 44 -12.90 -31.68 12.51
C HIS D 44 -13.47 -30.39 13.09
N ALA D 45 -14.58 -30.48 13.84
CA ALA D 45 -15.19 -29.28 14.40
C ALA D 45 -14.29 -28.66 15.47
N LYS D 46 -13.48 -29.47 16.15
CA LYS D 46 -12.57 -28.99 17.18
C LYS D 46 -11.31 -28.43 16.51
N GLU D 47 -10.33 -28.07 17.35
CA GLU D 47 -9.05 -27.49 16.96
C GLU D 47 -9.18 -26.48 15.82
N ASP D 48 -10.22 -25.64 15.87
CA ASP D 48 -10.46 -24.62 14.85
C ASP D 48 -10.90 -23.34 15.54
N PRO D 49 -10.02 -22.34 15.65
CA PRO D 49 -10.41 -21.09 16.32
C PRO D 49 -11.54 -20.35 15.63
N LEU D 50 -11.77 -20.62 14.34
CA LEU D 50 -12.87 -19.94 13.64
C LEU D 50 -14.23 -20.44 14.12
N LEU D 51 -14.41 -21.76 14.15
CA LEU D 51 -15.68 -22.31 14.61
C LEU D 51 -15.82 -22.26 16.12
N THR D 52 -14.78 -22.69 16.84
CA THR D 52 -14.77 -22.64 18.30
C THR D 52 -13.58 -21.79 18.74
N PRO D 53 -13.80 -20.58 19.24
CA PRO D 53 -12.68 -19.71 19.61
C PRO D 53 -11.82 -20.34 20.70
N VAL D 54 -10.51 -20.16 20.58
CA VAL D 54 -9.55 -20.72 21.53
C VAL D 54 -9.20 -19.65 22.57
N PRO D 55 -8.77 -20.03 23.77
CA PRO D 55 -8.38 -19.02 24.76
C PRO D 55 -7.19 -18.20 24.29
N ALA D 56 -6.99 -17.06 24.95
CA ALA D 56 -5.89 -16.17 24.57
C ALA D 56 -4.54 -16.80 24.85
N SER D 57 -4.48 -17.71 25.83
CA SER D 57 -3.22 -18.36 26.16
C SER D 57 -2.78 -19.31 25.04
N GLU D 58 -3.72 -20.06 24.48
CA GLU D 58 -3.40 -20.99 23.40
C GLU D 58 -3.27 -20.32 22.04
N ASN D 59 -3.75 -19.08 21.90
CA ASN D 59 -3.67 -18.37 20.63
C ASN D 59 -2.32 -17.66 20.52
N PRO D 60 -1.49 -17.99 19.54
CA PRO D 60 -0.19 -17.29 19.41
C PRO D 60 -0.35 -15.82 19.08
N PHE D 61 -1.45 -15.42 18.45
CA PHE D 61 -1.65 -14.02 18.11
C PHE D 61 -2.08 -13.21 19.32
N ARG D 62 -2.93 -13.79 20.17
CA ARG D 62 -3.38 -13.08 21.36
C ARG D 62 -2.26 -12.96 22.39
N GLU D 63 -1.49 -14.02 22.57
CA GLU D 63 -0.39 -14.02 23.53
C GLU D 63 0.95 -14.06 22.82
N VAL E 1 29.94 -16.21 -1.49
CA VAL E 1 30.07 -16.14 -0.05
C VAL E 1 31.52 -16.34 0.36
N GLN E 2 32.20 -15.25 0.71
CA GLN E 2 33.60 -15.30 1.10
C GLN E 2 33.93 -14.10 1.98
N LEU E 3 34.63 -14.36 3.07
CA LEU E 3 35.07 -13.32 4.00
C LEU E 3 36.58 -13.41 4.14
N VAL E 4 37.28 -12.33 3.80
CA VAL E 4 38.73 -12.28 3.86
C VAL E 4 39.13 -11.24 4.91
N GLU E 5 39.78 -11.70 5.98
CA GLU E 5 40.20 -10.85 7.08
C GLU E 5 41.69 -10.57 6.96
N SER E 6 42.06 -9.30 7.20
CA SER E 6 43.46 -8.90 7.14
C SER E 6 43.72 -7.82 8.18
N GLY E 7 44.99 -7.56 8.44
CA GLY E 7 45.38 -6.55 9.41
C GLY E 7 45.91 -7.14 10.70
N GLY E 8 46.62 -8.25 10.61
CA GLY E 8 47.16 -8.94 11.77
C GLY E 8 48.67 -8.94 11.77
N GLY E 9 49.25 -8.89 12.95
CA GLY E 9 50.69 -8.90 13.09
C GLY E 9 51.11 -8.62 14.52
N LEU E 10 52.41 -8.63 14.72
CA LEU E 10 52.97 -8.36 16.05
C LEU E 10 52.81 -6.88 16.39
N VAL E 11 52.12 -6.60 17.48
CA VAL E 11 51.85 -5.24 17.92
C VAL E 11 52.31 -5.10 19.36
N GLN E 12 53.07 -4.04 19.65
CA GLN E 12 53.49 -3.78 21.02
C GLN E 12 52.29 -3.46 21.91
N PRO E 13 52.36 -3.79 23.20
CA PRO E 13 51.22 -3.51 24.07
C PRO E 13 50.96 -2.02 24.22
N GLY E 14 49.69 -1.66 24.24
CA GLY E 14 49.30 -0.27 24.29
C GLY E 14 49.16 0.42 22.95
N GLY E 15 49.37 -0.29 21.85
CA GLY E 15 49.24 0.27 20.53
C GLY E 15 47.82 0.20 20.00
N SER E 16 47.69 0.47 18.69
CA SER E 16 46.40 0.46 18.02
C SER E 16 46.54 -0.26 16.68
N ARG E 17 45.40 -0.76 16.19
CA ARG E 17 45.37 -1.47 14.93
C ARG E 17 43.95 -1.41 14.36
N LYS E 18 43.82 -1.82 13.10
CA LYS E 18 42.55 -1.80 12.39
C LYS E 18 42.44 -3.07 11.56
N LEU E 19 41.61 -4.01 12.00
CA LEU E 19 41.34 -5.22 11.22
C LEU E 19 40.29 -4.93 10.16
N SER E 20 40.52 -5.39 8.94
CA SER E 20 39.63 -5.14 7.81
C SER E 20 39.17 -6.47 7.24
N CYS E 21 37.85 -6.61 7.09
CA CYS E 21 37.25 -7.81 6.53
C CYS E 21 36.49 -7.44 5.25
N SER E 22 36.89 -8.04 4.14
CA SER E 22 36.22 -7.86 2.86
C SER E 22 35.23 -9.00 2.63
N ALA E 23 34.01 -8.63 2.25
CA ALA E 23 32.94 -9.58 2.01
C ALA E 23 32.62 -9.65 0.53
N SER E 24 32.35 -10.86 0.05
CA SER E 24 32.00 -11.05 -1.36
C SER E 24 30.99 -12.18 -1.48
N GLY E 25 30.24 -12.17 -2.57
CA GLY E 25 29.29 -13.22 -2.87
C GLY E 25 27.95 -13.10 -2.17
N PHE E 26 27.75 -12.08 -1.34
CA PHE E 26 26.47 -11.91 -0.65
C PHE E 26 26.26 -10.44 -0.36
N ALA E 27 25.01 -10.09 -0.05
CA ALA E 27 24.63 -8.72 0.26
C ALA E 27 25.16 -8.37 1.64
N PHE E 28 26.25 -7.59 1.66
CA PHE E 28 26.86 -7.20 2.92
C PHE E 28 25.97 -6.27 3.72
N SER E 29 25.16 -5.44 3.04
CA SER E 29 24.33 -4.46 3.74
C SER E 29 23.16 -5.11 4.45
N SER E 30 22.82 -6.36 4.11
CA SER E 30 21.69 -7.05 4.69
C SER E 30 22.09 -8.05 5.77
N PHE E 31 23.37 -8.13 6.12
CA PHE E 31 23.86 -9.08 7.11
C PHE E 31 24.50 -8.33 8.26
N GLY E 32 24.11 -8.68 9.49
CA GLY E 32 24.85 -8.23 10.65
C GLY E 32 26.17 -8.97 10.79
N MET E 33 27.14 -8.32 11.42
CA MET E 33 28.48 -8.86 11.52
C MET E 33 28.88 -9.03 12.98
N HIS E 34 29.68 -10.08 13.23
CA HIS E 34 30.17 -10.39 14.56
C HIS E 34 31.67 -10.65 14.49
N TRP E 35 32.43 -9.91 15.29
CA TRP E 35 33.85 -10.16 15.49
C TRP E 35 34.01 -11.01 16.74
N VAL E 36 34.60 -12.20 16.59
CA VAL E 36 34.88 -13.08 17.71
C VAL E 36 36.38 -13.37 17.73
N ARG E 37 36.85 -13.87 18.87
CA ARG E 37 38.25 -14.19 19.04
C ARG E 37 38.41 -15.60 19.58
N GLN E 38 39.55 -16.21 19.26
CA GLN E 38 39.91 -17.54 19.75
C GLN E 38 41.37 -17.51 20.18
N ALA E 39 41.62 -17.78 21.46
CA ALA E 39 42.98 -17.82 21.95
C ALA E 39 43.65 -19.13 21.56
N PRO E 40 44.98 -19.13 21.39
CA PRO E 40 45.66 -20.39 21.03
C PRO E 40 45.50 -21.47 22.08
N GLU E 41 45.37 -21.11 23.35
CA GLU E 41 45.22 -22.06 24.43
C GLU E 41 43.80 -22.09 25.00
N LYS E 42 42.87 -21.34 24.42
CA LYS E 42 41.50 -21.31 24.91
C LYS E 42 40.50 -21.50 23.77
N GLY E 43 39.21 -21.32 24.06
CA GLY E 43 38.18 -21.48 23.07
C GLY E 43 37.73 -20.16 22.48
N LEU E 44 36.58 -20.20 21.81
CA LEU E 44 36.04 -19.02 21.16
C LEU E 44 35.52 -18.02 22.20
N GLU E 45 35.65 -16.74 21.87
CA GLU E 45 35.16 -15.66 22.71
C GLU E 45 34.60 -14.56 21.82
N TRP E 46 33.40 -14.11 22.13
CA TRP E 46 32.75 -13.05 21.37
C TRP E 46 33.32 -11.69 21.76
N VAL E 47 33.55 -10.85 20.76
CA VAL E 47 34.19 -9.54 20.95
C VAL E 47 33.21 -8.41 20.68
N ALA E 48 32.68 -8.34 19.45
CA ALA E 48 31.83 -7.21 19.08
C ALA E 48 30.78 -7.66 18.06
N TYR E 49 29.75 -6.84 17.91
CA TYR E 49 28.68 -7.09 16.96
C TYR E 49 28.16 -5.76 16.43
N ILE E 50 27.93 -5.71 15.12
CA ILE E 50 27.37 -4.54 14.45
C ILE E 50 26.18 -5.01 13.63
N SER E 51 25.15 -4.17 13.56
CA SER E 51 23.93 -4.53 12.85
C SER E 51 24.11 -4.29 11.35
N SER E 52 23.08 -4.68 10.59
CA SER E 52 23.13 -4.52 9.15
C SER E 52 23.01 -3.05 8.75
N GLY E 53 22.25 -2.28 9.51
CA GLY E 53 22.08 -0.86 9.23
C GLY E 53 22.88 0.03 10.14
N SER E 54 23.87 -0.56 10.82
CA SER E 54 24.75 0.16 11.76
C SER E 54 23.96 0.84 12.87
N GLY E 55 22.82 0.26 13.24
CA GLY E 55 21.99 0.81 14.28
C GLY E 55 22.25 0.21 15.65
N THR E 56 22.45 -1.10 15.69
CA THR E 56 22.71 -1.83 16.93
C THR E 56 24.17 -2.26 16.95
N ILE E 57 24.97 -1.59 17.77
CA ILE E 57 26.39 -1.89 17.91
C ILE E 57 26.66 -2.21 19.38
N TYR E 58 27.20 -3.40 19.63
CA TYR E 58 27.46 -3.85 20.99
C TYR E 58 28.85 -4.48 21.06
N TYR E 59 29.40 -4.50 22.27
CA TYR E 59 30.73 -5.03 22.52
C TYR E 59 30.71 -5.90 23.77
N ALA E 60 31.74 -6.73 23.90
CA ALA E 60 31.89 -7.55 25.09
C ALA E 60 32.30 -6.69 26.27
N ASP E 61 32.07 -7.22 27.48
CA ASP E 61 32.41 -6.47 28.69
C ASP E 61 33.92 -6.27 28.81
N THR E 62 34.70 -7.20 28.24
CA THR E 62 36.15 -7.09 28.32
C THR E 62 36.71 -6.07 27.32
N VAL E 63 35.94 -5.72 26.29
CA VAL E 63 36.42 -4.79 25.27
C VAL E 63 35.42 -3.66 25.10
N LYS E 64 34.61 -3.41 26.12
CA LYS E 64 33.59 -2.37 26.04
C LYS E 64 34.26 -1.00 26.08
N GLY E 65 34.08 -0.22 25.01
CA GLY E 65 34.66 1.10 24.94
C GLY E 65 36.09 1.12 24.44
N ARG E 66 36.82 0.02 24.67
CA ARG E 66 38.20 -0.06 24.22
C ARG E 66 38.28 -0.18 22.70
N PHE E 67 37.42 -1.01 22.12
CA PHE E 67 37.39 -1.23 20.68
C PHE E 67 36.21 -0.51 20.06
N THR E 68 36.21 -0.42 18.74
CA THR E 68 35.07 0.10 18.00
C THR E 68 34.96 -0.63 16.67
N ILE E 69 33.76 -0.67 16.12
CA ILE E 69 33.48 -1.41 14.90
C ILE E 69 32.59 -0.55 13.99
N SER E 70 32.91 -0.58 12.70
CA SER E 70 32.13 0.14 11.71
C SER E 70 32.09 -0.69 10.44
N ARG E 71 31.24 -0.27 9.51
CA ARG E 71 31.09 -0.99 8.24
C ARG E 71 30.82 0.00 7.12
N ASP E 72 31.34 -0.33 5.95
CA ASP E 72 31.12 0.44 4.72
C ASP E 72 30.34 -0.45 3.77
N ASP E 73 29.06 -0.11 3.56
CA ASP E 73 28.21 -0.90 2.67
C ASP E 73 28.51 -0.66 1.20
N PRO E 74 28.74 0.58 0.72
CA PRO E 74 29.14 0.72 -0.69
C PRO E 74 30.45 0.01 -1.02
N LYS E 75 31.32 -0.17 -0.04
CA LYS E 75 32.58 -0.87 -0.24
C LYS E 75 32.54 -2.32 0.21
N ASN E 76 31.48 -2.74 0.90
CA ASN E 76 31.36 -4.11 1.42
C ASN E 76 32.56 -4.47 2.29
N THR E 77 32.83 -3.62 3.29
CA THR E 77 33.98 -3.82 4.16
C THR E 77 33.54 -3.65 5.61
N LEU E 78 34.24 -4.34 6.51
CA LEU E 78 34.00 -4.25 7.93
C LEU E 78 35.31 -3.90 8.64
N PHE E 79 35.31 -2.80 9.38
CA PHE E 79 36.50 -2.32 10.06
C PHE E 79 36.33 -2.49 11.57
N LEU E 80 37.37 -3.01 12.21
CA LEU E 80 37.42 -3.15 13.66
C LEU E 80 38.66 -2.40 14.14
N GLN E 81 38.45 -1.23 14.73
CA GLN E 81 39.55 -0.40 15.24
C GLN E 81 39.76 -0.70 16.71
N MET E 82 40.93 -1.23 17.04
CA MET E 82 41.28 -1.59 18.40
C MET E 82 42.39 -0.69 18.91
N THR E 83 42.31 -0.30 20.18
CA THR E 83 43.30 0.57 20.79
C THR E 83 43.66 0.01 22.17
N SER E 84 44.88 0.30 22.60
CA SER E 84 45.43 -0.13 23.88
C SER E 84 45.31 -1.65 24.03
N LEU E 85 45.97 -2.36 23.13
CA LEU E 85 45.95 -3.82 23.16
C LEU E 85 46.76 -4.34 24.35
N ARG E 86 46.29 -5.43 24.92
CA ARG E 86 46.96 -6.10 26.03
C ARG E 86 47.17 -7.58 25.71
N SER E 87 47.63 -8.33 26.71
CA SER E 87 47.91 -9.75 26.50
C SER E 87 46.64 -10.56 26.25
N GLU E 88 45.51 -10.08 26.74
CA GLU E 88 44.24 -10.79 26.54
C GLU E 88 43.73 -10.69 25.10
N ASP E 89 44.35 -9.87 24.26
CA ASP E 89 43.92 -9.69 22.88
C ASP E 89 44.75 -10.50 21.89
N THR E 90 45.77 -11.22 22.35
CA THR E 90 46.62 -12.03 21.48
C THR E 90 45.85 -13.30 21.12
N ALA E 91 45.15 -13.26 20.00
CA ALA E 91 44.29 -14.36 19.59
C ALA E 91 44.04 -14.25 18.08
N MET E 92 43.27 -15.20 17.55
CA MET E 92 42.87 -15.19 16.16
C MET E 92 41.43 -14.70 16.07
N TYR E 93 41.20 -13.65 15.29
CA TYR E 93 39.90 -13.03 15.17
C TYR E 93 39.17 -13.54 13.94
N TYR E 94 37.89 -13.87 14.11
CA TYR E 94 37.03 -14.33 13.04
C TYR E 94 35.88 -13.35 12.85
N CYS E 95 35.48 -13.16 11.59
CA CYS E 95 34.33 -12.36 11.23
C CYS E 95 33.21 -13.28 10.76
N VAL E 96 32.03 -13.14 11.36
CA VAL E 96 30.90 -14.00 11.08
C VAL E 96 29.74 -13.14 10.59
N ARG E 97 29.03 -13.64 9.58
CA ARG E 97 27.84 -13.00 9.07
C ARG E 97 26.61 -13.66 9.67
N SER E 98 25.58 -12.87 9.96
CA SER E 98 24.35 -13.37 10.55
C SER E 98 23.19 -12.47 10.17
N ILE E 99 22.19 -13.04 9.51
CA ILE E 99 20.95 -12.34 9.19
C ILE E 99 19.87 -12.88 10.12
N TYR E 100 19.01 -11.98 10.59
CA TYR E 100 18.04 -12.31 11.63
C TYR E 100 16.62 -12.12 11.08
N TYR E 101 15.93 -13.25 10.89
CA TYR E 101 14.51 -13.25 10.56
C TYR E 101 13.96 -14.62 10.95
N TYR E 102 12.66 -14.80 10.76
CA TYR E 102 12.03 -16.07 11.11
C TYR E 102 12.54 -17.17 10.18
N GLY E 103 13.15 -18.19 10.76
CA GLY E 103 13.73 -19.27 9.97
C GLY E 103 15.12 -19.02 9.46
N SER E 104 15.75 -17.90 9.85
CA SER E 104 17.08 -17.58 9.38
C SER E 104 18.12 -18.48 10.07
N SER E 105 19.34 -18.45 9.55
CA SER E 105 20.46 -19.21 10.07
C SER E 105 21.57 -18.24 10.43
N PRO E 106 21.51 -17.64 11.62
CA PRO E 106 22.58 -16.70 12.02
C PRO E 106 23.88 -17.44 12.25
N PHE E 107 24.98 -16.71 12.09
CA PHE E 107 26.33 -17.27 12.18
C PHE E 107 26.53 -18.41 11.18
N ASP E 108 26.09 -18.18 9.95
CA ASP E 108 26.13 -19.23 8.94
C ASP E 108 27.54 -19.43 8.38
N PHE E 109 28.17 -18.34 7.93
CA PHE E 109 29.49 -18.41 7.32
C PHE E 109 30.50 -17.70 8.20
N TRP E 110 31.63 -18.36 8.45
CA TRP E 110 32.71 -17.81 9.26
C TRP E 110 33.91 -17.53 8.38
N GLY E 111 34.50 -16.35 8.52
CA GLY E 111 35.68 -16.01 7.78
C GLY E 111 36.92 -16.75 8.29
N GLN E 112 37.98 -16.66 7.49
CA GLN E 112 39.23 -17.32 7.88
C GLN E 112 39.88 -16.66 9.08
N GLY E 113 39.62 -15.36 9.29
CA GLY E 113 40.17 -14.66 10.42
C GLY E 113 41.63 -14.30 10.22
N THR E 114 42.18 -13.63 11.22
CA THR E 114 43.58 -13.23 11.20
C THR E 114 44.12 -13.25 12.62
N THR E 115 45.40 -13.58 12.74
CA THR E 115 46.05 -13.69 14.04
C THR E 115 46.56 -12.33 14.51
N LEU E 116 46.65 -12.17 15.83
CA LEU E 116 47.17 -10.94 16.43
C LEU E 116 47.92 -11.32 17.69
N THR E 117 49.20 -10.99 17.75
CA THR E 117 50.05 -11.30 18.89
C THR E 117 50.61 -10.01 19.48
N VAL E 118 50.84 -10.02 20.79
CA VAL E 118 51.39 -8.89 21.50
C VAL E 118 52.66 -9.35 22.21
N SER E 119 53.70 -8.51 22.15
CA SER E 119 54.97 -8.88 22.77
C SER E 119 54.88 -8.84 24.29
N ALA E 120 54.20 -7.84 24.84
CA ALA E 120 54.03 -7.66 26.28
C ALA E 120 55.38 -7.64 27.01
N SER E 135 29.78 -11.95 37.24
CA SER E 135 29.21 -11.18 36.13
C SER E 135 27.83 -11.69 35.77
N ALA E 136 26.98 -10.77 35.27
CA ALA E 136 25.62 -11.12 34.87
C ALA E 136 25.60 -11.57 33.41
N ASP E 137 26.24 -12.71 33.17
CA ASP E 137 26.33 -13.28 31.84
C ASP E 137 26.09 -14.77 31.90
N ILE E 138 25.69 -15.35 30.78
CA ILE E 138 25.41 -16.78 30.69
C ILE E 138 26.72 -17.52 30.51
N VAL E 139 26.94 -18.55 31.33
CA VAL E 139 28.15 -19.35 31.30
C VAL E 139 27.80 -20.72 30.73
N MET E 140 28.48 -21.09 29.65
CA MET E 140 28.28 -22.38 28.99
C MET E 140 29.36 -23.35 29.47
N THR E 141 28.93 -24.49 30.00
CA THR E 141 29.84 -25.49 30.55
C THR E 141 29.72 -26.78 29.77
N GLN E 142 30.84 -27.27 29.26
CA GLN E 142 30.87 -28.54 28.56
C GLN E 142 31.04 -29.69 29.55
N ALA E 143 30.41 -30.82 29.25
CA ALA E 143 30.49 -31.97 30.15
C ALA E 143 31.91 -32.54 30.18
N THR E 144 32.56 -32.66 29.03
CA THR E 144 33.90 -33.19 28.94
C THR E 144 34.69 -32.40 27.90
N SER E 145 35.94 -32.07 28.23
CA SER E 145 36.77 -31.28 27.33
C SER E 145 37.14 -32.09 26.09
N SER E 146 37.32 -33.40 26.23
CA SER E 146 37.69 -34.25 25.11
C SER E 146 37.19 -35.66 25.36
N VAL E 147 36.52 -36.24 24.36
CA VAL E 147 36.00 -37.59 24.44
C VAL E 147 36.53 -38.40 23.27
N PRO E 148 37.13 -39.57 23.48
CA PRO E 148 37.58 -40.38 22.35
C PRO E 148 36.40 -40.95 21.57
N VAL E 149 36.48 -40.84 20.24
CA VAL E 149 35.43 -41.31 19.36
C VAL E 149 36.04 -42.18 18.27
N THR E 150 35.19 -43.02 17.67
CA THR E 150 35.58 -43.91 16.59
C THR E 150 34.63 -43.74 15.42
N PRO E 151 35.11 -43.93 14.19
CA PRO E 151 34.22 -43.82 13.03
C PRO E 151 33.12 -44.87 13.07
N GLY E 152 31.92 -44.47 12.64
CA GLY E 152 30.78 -45.34 12.62
C GLY E 152 30.03 -45.45 13.93
N GLU E 153 30.45 -44.73 14.97
CA GLU E 153 29.81 -44.77 16.27
C GLU E 153 28.88 -43.56 16.45
N SER E 154 28.36 -43.43 17.66
CA SER E 154 27.49 -42.32 18.04
C SER E 154 28.08 -41.61 19.24
N VAL E 155 28.20 -40.29 19.15
CA VAL E 155 28.76 -39.47 20.21
C VAL E 155 27.74 -38.42 20.61
N SER E 156 27.53 -38.27 21.92
CA SER E 156 26.60 -37.31 22.47
C SER E 156 27.36 -36.30 23.31
N ILE E 157 27.44 -35.07 22.83
CA ILE E 157 28.11 -33.97 23.51
C ILE E 157 27.09 -33.25 24.36
N SER E 158 27.37 -33.12 25.65
CA SER E 158 26.46 -32.51 26.61
C SER E 158 26.94 -31.12 26.99
N CYS E 159 25.99 -30.22 27.22
CA CYS E 159 26.30 -28.85 27.60
C CYS E 159 25.29 -28.37 28.65
N ARG E 160 25.73 -27.43 29.47
CA ARG E 160 24.89 -26.85 30.51
C ARG E 160 24.98 -25.33 30.45
N SER E 161 23.87 -24.67 30.74
CA SER E 161 23.78 -23.22 30.72
C SER E 161 23.49 -22.70 32.11
N SER E 162 23.89 -21.45 32.37
CA SER E 162 23.63 -20.84 33.66
C SER E 162 22.14 -20.60 33.87
N LYS E 163 21.43 -20.17 32.82
CA LYS E 163 20.00 -19.96 32.87
C LYS E 163 19.34 -20.63 31.68
N SER E 164 18.03 -20.81 31.77
CA SER E 164 17.28 -21.45 30.70
C SER E 164 17.27 -20.57 29.46
N LEU E 165 17.61 -21.17 28.31
CA LEU E 165 17.66 -20.45 27.05
C LEU E 165 16.30 -20.35 26.37
N LEU E 166 15.27 -20.97 26.92
CA LEU E 166 13.93 -20.84 26.37
C LEU E 166 13.40 -19.43 26.58
N HIS E 167 12.79 -18.87 25.54
CA HIS E 167 12.24 -17.53 25.57
C HIS E 167 10.73 -17.60 25.42
N SER E 168 10.07 -16.47 25.72
CA SER E 168 8.61 -16.43 25.64
C SER E 168 8.10 -16.56 24.21
N ASN E 169 8.97 -16.33 23.22
CA ASN E 169 8.56 -16.47 21.83
C ASN E 169 8.26 -17.91 21.45
N GLY E 170 8.90 -18.88 22.10
CA GLY E 170 8.61 -20.28 21.88
C GLY E 170 9.72 -21.12 21.29
N ASN E 171 10.80 -20.50 20.80
CA ASN E 171 11.91 -21.23 20.21
C ASN E 171 13.17 -20.94 20.99
N THR E 172 13.96 -21.98 21.23
CA THR E 172 15.21 -21.84 21.96
C THR E 172 16.30 -21.23 21.09
N TYR E 173 17.31 -20.67 21.74
CA TYR E 173 18.44 -20.01 21.07
C TYR E 173 19.73 -20.69 21.52
N LEU E 174 20.12 -21.73 20.79
CA LEU E 174 21.34 -22.48 21.08
C LEU E 174 22.01 -22.85 19.77
N TYR E 175 23.31 -22.59 19.67
CA TYR E 175 24.07 -22.81 18.45
C TYR E 175 25.22 -23.77 18.74
N TRP E 176 25.24 -24.89 18.05
CA TRP E 176 26.34 -25.84 18.07
C TRP E 176 27.18 -25.63 16.81
N PHE E 177 28.47 -25.37 16.99
CA PHE E 177 29.39 -25.11 15.89
C PHE E 177 30.52 -26.13 15.91
N LEU E 178 31.05 -26.41 14.72
CA LEU E 178 32.17 -27.33 14.57
C LEU E 178 33.37 -26.57 13.99
N GLN E 179 34.54 -26.79 14.58
CA GLN E 179 35.78 -26.19 14.11
C GLN E 179 36.78 -27.32 13.87
N ARG E 180 37.11 -27.56 12.62
CA ARG E 180 38.08 -28.58 12.28
C ARG E 180 39.50 -28.04 12.49
N PRO E 181 40.45 -28.92 12.81
CA PRO E 181 41.82 -28.46 13.06
C PRO E 181 42.43 -27.81 11.81
N GLY E 182 42.73 -26.53 11.92
CA GLY E 182 43.29 -25.77 10.81
C GLY E 182 42.27 -25.15 9.88
N GLN E 183 41.01 -25.09 10.28
CA GLN E 183 39.96 -24.51 9.44
C GLN E 183 39.09 -23.58 10.28
N SER E 184 38.32 -22.75 9.58
CA SER E 184 37.42 -21.83 10.24
C SER E 184 36.19 -22.57 10.75
N PRO E 185 35.58 -22.09 11.84
CA PRO E 185 34.36 -22.75 12.35
C PRO E 185 33.24 -22.72 11.32
N GLN E 186 32.27 -23.60 11.53
CA GLN E 186 31.14 -23.76 10.62
C GLN E 186 29.87 -23.99 11.42
N LEU E 187 28.77 -23.39 10.96
CA LEU E 187 27.48 -23.62 11.59
C LEU E 187 27.08 -25.09 11.44
N LEU E 188 26.83 -25.75 12.57
CA LEU E 188 26.37 -27.13 12.56
C LEU E 188 24.88 -27.22 12.88
N ILE E 189 24.44 -26.62 14.00
CA ILE E 189 23.03 -26.60 14.37
C ILE E 189 22.72 -25.24 14.96
N TYR E 190 21.61 -24.64 14.50
CA TYR E 190 21.14 -23.37 15.03
C TYR E 190 19.77 -23.56 15.65
N ARG E 191 19.57 -22.95 16.81
CA ARG E 191 18.33 -23.03 17.60
C ARG E 191 18.02 -24.47 18.04
N MET E 192 19.05 -25.31 18.14
CA MET E 192 18.97 -26.62 18.78
C MET E 192 18.15 -27.62 17.97
N SER E 193 17.45 -27.16 16.95
CA SER E 193 16.57 -28.08 16.23
C SER E 193 16.82 -28.11 14.73
N ASN E 194 17.18 -26.97 14.13
CA ASN E 194 17.33 -26.89 12.69
C ASN E 194 18.79 -27.06 12.30
N LEU E 195 19.02 -27.87 11.26
CA LEU E 195 20.36 -28.07 10.73
C LEU E 195 20.74 -26.93 9.80
N ALA E 196 22.03 -26.61 9.77
CA ALA E 196 22.52 -25.54 8.92
C ALA E 196 22.46 -25.94 7.45
N SER E 197 22.83 -25.00 6.58
CA SER E 197 22.84 -25.25 5.14
C SER E 197 24.13 -25.94 4.73
N GLY E 198 24.01 -27.10 4.11
CA GLY E 198 25.18 -27.82 3.65
C GLY E 198 25.82 -28.72 4.68
N VAL E 199 25.07 -29.19 5.67
CA VAL E 199 25.60 -30.11 6.68
C VAL E 199 24.86 -31.43 6.57
N PRO E 200 25.52 -32.55 6.88
CA PRO E 200 24.83 -33.85 6.81
C PRO E 200 23.74 -33.96 7.84
N ASP E 201 22.76 -34.82 7.55
CA ASP E 201 21.63 -35.03 8.45
C ASP E 201 21.98 -35.91 9.64
N ARG E 202 23.24 -36.31 9.79
CA ARG E 202 23.63 -37.16 10.91
C ARG E 202 23.61 -36.43 12.23
N PHE E 203 23.68 -35.09 12.22
CA PHE E 203 23.71 -34.31 13.44
C PHE E 203 22.30 -34.05 13.93
N SER E 204 22.11 -34.11 15.25
CA SER E 204 20.81 -33.80 15.85
C SER E 204 21.04 -33.08 17.18
N GLY E 205 20.08 -32.23 17.54
CA GLY E 205 20.18 -31.47 18.77
C GLY E 205 18.91 -31.59 19.57
N SER E 206 19.07 -31.60 20.90
CA SER E 206 17.93 -31.69 21.80
C SER E 206 18.26 -30.96 23.08
N GLY E 207 17.22 -30.67 23.87
CA GLY E 207 17.40 -30.00 25.14
C GLY E 207 16.10 -29.48 25.73
N SER E 208 16.04 -29.40 27.06
CA SER E 208 14.85 -28.94 27.76
C SER E 208 14.92 -27.47 28.15
N GLY E 209 16.03 -26.80 27.87
CA GLY E 209 16.18 -25.40 28.23
C GLY E 209 17.46 -25.10 28.98
N THR E 210 17.88 -26.05 29.82
CA THR E 210 19.10 -25.91 30.61
C THR E 210 20.19 -26.87 30.16
N ALA E 211 19.87 -28.16 30.05
CA ALA E 211 20.81 -29.16 29.57
C ALA E 211 20.58 -29.41 28.09
N PHE E 212 21.66 -29.42 27.32
CA PHE E 212 21.59 -29.58 25.87
C PHE E 212 22.45 -30.75 25.44
N THR E 213 22.03 -31.41 24.36
CA THR E 213 22.74 -32.58 23.84
C THR E 213 22.82 -32.50 22.34
N LEU E 214 24.00 -32.81 21.81
CA LEU E 214 24.27 -32.88 20.38
C LEU E 214 24.70 -34.30 20.05
N THR E 215 23.87 -34.99 19.26
CA THR E 215 24.11 -36.39 18.90
C THR E 215 24.61 -36.48 17.47
N ILE E 216 25.71 -37.19 17.28
CA ILE E 216 26.31 -37.41 15.97
C ILE E 216 26.44 -38.91 15.75
N SER E 217 25.82 -39.41 14.68
CA SER E 217 25.88 -40.82 14.33
C SER E 217 26.62 -40.99 13.01
N ARG E 218 27.29 -42.13 12.88
CA ARG E 218 28.07 -42.45 11.68
C ARG E 218 29.13 -41.39 11.41
N LEU E 219 30.05 -41.26 12.35
CA LEU E 219 31.10 -40.24 12.25
C LEU E 219 32.00 -40.53 11.06
N GLU E 220 32.60 -39.47 10.53
CA GLU E 220 33.50 -39.53 9.39
C GLU E 220 34.82 -38.85 9.75
N ALA E 221 35.67 -38.66 8.72
CA ALA E 221 36.97 -38.05 8.94
C ALA E 221 36.83 -36.56 9.22
N GLU E 222 35.88 -35.89 8.56
CA GLU E 222 35.72 -34.45 8.73
C GLU E 222 34.93 -34.09 9.98
N ASP E 223 34.34 -35.07 10.67
CA ASP E 223 33.56 -34.79 11.87
C ASP E 223 34.42 -34.52 13.09
N VAL E 224 35.73 -34.80 13.04
CA VAL E 224 36.59 -34.54 14.18
C VAL E 224 36.88 -33.05 14.30
N GLY E 225 37.23 -32.63 15.50
CA GLY E 225 37.54 -31.24 15.77
C GLY E 225 36.95 -30.81 17.09
N VAL E 226 36.82 -29.50 17.27
CA VAL E 226 36.32 -28.92 18.50
C VAL E 226 34.89 -28.46 18.28
N TYR E 227 33.98 -28.89 19.15
CA TYR E 227 32.59 -28.50 19.11
C TYR E 227 32.34 -27.42 20.15
N TYR E 228 31.74 -26.31 19.72
CA TYR E 228 31.46 -25.18 20.58
C TYR E 228 29.95 -24.97 20.70
N CYS E 229 29.55 -24.38 21.82
CA CYS E 229 28.16 -24.07 22.10
C CYS E 229 28.03 -22.58 22.43
N MET E 230 26.99 -21.96 21.88
CA MET E 230 26.77 -20.54 22.08
C MET E 230 25.29 -20.26 22.33
N GLN E 231 25.02 -19.26 23.16
CA GLN E 231 23.66 -18.79 23.43
C GLN E 231 23.45 -17.47 22.73
N HIS E 232 22.19 -17.14 22.44
CA HIS E 232 21.84 -15.90 21.75
C HIS E 232 20.66 -15.18 22.41
N LEU E 233 20.59 -15.20 23.73
CA LEU E 233 19.50 -14.50 24.42
C LEU E 233 19.86 -13.05 24.73
N GLU E 234 21.10 -12.80 25.16
CA GLU E 234 21.56 -11.45 25.47
C GLU E 234 22.69 -11.06 24.54
N TYR E 235 22.91 -9.75 24.41
CA TYR E 235 23.97 -9.25 23.54
C TYR E 235 25.37 -9.71 23.95
N PRO E 236 25.71 -9.83 25.25
CA PRO E 236 27.02 -10.44 25.55
C PRO E 236 27.03 -11.95 25.32
N LEU E 237 27.16 -12.34 24.05
CA LEU E 237 27.20 -13.75 23.70
C LEU E 237 28.45 -14.42 24.27
N THR E 238 28.27 -15.61 24.81
CA THR E 238 29.35 -16.38 25.41
C THR E 238 29.40 -17.78 24.81
N PHE E 239 30.60 -18.24 24.49
CA PHE E 239 30.81 -19.56 23.94
C PHE E 239 30.99 -20.57 25.08
N GLY E 240 31.41 -21.78 24.73
CA GLY E 240 31.71 -22.81 25.70
C GLY E 240 33.17 -23.21 25.67
N ALA E 241 33.50 -24.20 26.50
CA ALA E 241 34.88 -24.69 26.54
C ALA E 241 35.24 -25.44 25.27
N GLY E 242 34.26 -26.11 24.66
CA GLY E 242 34.51 -26.87 23.45
C GLY E 242 34.96 -28.28 23.71
N THR E 243 34.25 -29.26 23.12
CA THR E 243 34.58 -30.67 23.28
C THR E 243 35.43 -31.11 22.09
N LYS E 244 36.56 -31.75 22.38
CA LYS E 244 37.52 -32.15 21.36
C LYS E 244 37.28 -33.62 20.99
N LEU E 245 36.82 -33.86 19.77
CA LEU E 245 36.66 -35.20 19.24
C LEU E 245 37.83 -35.49 18.31
N GLU E 246 38.63 -36.50 18.66
CA GLU E 246 39.81 -36.87 17.90
C GLU E 246 39.66 -38.28 17.36
N LEU E 247 40.33 -38.56 16.25
CA LEU E 247 40.28 -39.87 15.63
C LEU E 247 41.02 -40.91 16.45
#